data_4YT2
#
_entry.id   4YT2
#
_cell.length_a   52.520
_cell.length_b   77.810
_cell.length_c   153.540
_cell.angle_alpha   90.000
_cell.angle_beta   90.000
_cell.angle_gamma   90.000
#
_symmetry.space_group_name_H-M   'P 21 21 21'
#
loop_
_entity.id
_entity.type
_entity.pdbx_description
1 polymer 'H(2)-forming methylenetetrahydromethanopterin dehydrogenase-related protein MJ1338'
2 non-polymer 'TRIETHYLENE GLYCOL'
3 non-polymer DI(HYDROXYETHYL)ETHER
4 water water
#
_entity_poly.entity_id   1
_entity_poly.type   'polypeptide(L)'
_entity_poly.pdbx_seq_one_letter_code
;KVDNMKVSVYGAGNQNLYINKLNLPEKFGGEPPYGGSRMAIEFAEAGHDVVLAEPNKNIMSDDLWKKVEDAGVKVVSDDV
EAAKHGEIHVLFTPFGKATFRIAKTIIEHVPENAVICNTCTVSPVVLYYSLEPILRTKRKDVGISSMHPAAVPGTPQHGH
YVIGGKTTDGKELATEEQIKKAVELAKSAGKEAYVVPADVSSVVADMGSLVTAVALSGVLDYYTVGRKIINAPKKMIEQQ
VIMTLQTMASLVETSGIEGMVKALNPELLIRSASSMKLLDRQKDLDAALEILQNLDETLKAEVEKAEIKPTTLVAAQSLV
KEIKTLIGGAAAEGAIKRSARKLFEH
;
_entity_poly.pdbx_strand_id   A,B
#
loop_
_chem_comp.id
_chem_comp.type
_chem_comp.name
_chem_comp.formula
PEG non-polymer DI(HYDROXYETHYL)ETHER 'C4 H10 O3'
PGE non-polymer 'TRIETHYLENE GLYCOL' 'C6 H14 O4'
#
# COMPACT_ATOMS: atom_id res chain seq x y z
N ASN A 4 -20.63 -6.09 -37.29
CA ASN A 4 -19.72 -4.99 -37.50
C ASN A 4 -18.29 -5.49 -37.24
N MET A 5 -17.81 -5.38 -36.00
CA MET A 5 -16.49 -5.94 -35.71
C MET A 5 -16.57 -7.42 -35.52
N LYS A 6 -15.45 -8.11 -35.78
CA LYS A 6 -15.42 -9.53 -35.45
C LYS A 6 -14.87 -9.71 -34.04
N VAL A 7 -15.71 -10.26 -33.17
CA VAL A 7 -15.40 -10.33 -31.75
C VAL A 7 -15.38 -11.78 -31.30
N SER A 8 -14.36 -12.14 -30.51
CA SER A 8 -14.31 -13.44 -29.88
C SER A 8 -14.28 -13.23 -28.38
N VAL A 9 -15.14 -13.95 -27.68
CA VAL A 9 -15.20 -13.87 -26.21
C VAL A 9 -14.83 -15.24 -25.68
N TYR A 10 -14.01 -15.31 -24.64
CA TYR A 10 -13.57 -16.61 -24.14
C TYR A 10 -14.09 -16.78 -22.73
N GLY A 11 -15.00 -17.72 -22.53
CA GLY A 11 -15.50 -18.02 -21.20
C GLY A 11 -16.92 -17.52 -21.00
N ALA A 12 -17.83 -18.44 -20.74
CA ALA A 12 -19.23 -18.10 -20.60
C ALA A 12 -19.51 -17.50 -19.24
N GLY A 13 -18.62 -17.70 -18.28
CA GLY A 13 -18.96 -17.25 -16.93
C GLY A 13 -19.56 -18.40 -16.11
N ASN A 14 -19.17 -18.47 -14.84
CA ASN A 14 -19.68 -19.48 -13.93
C ASN A 14 -21.09 -19.16 -13.48
N GLN A 15 -22.10 -19.66 -14.18
CA GLN A 15 -23.47 -19.29 -13.86
C GLN A 15 -23.90 -19.83 -12.52
N ASN A 16 -23.35 -20.98 -12.10
CA ASN A 16 -23.68 -21.45 -10.76
C ASN A 16 -23.26 -20.45 -9.69
N LEU A 17 -22.07 -19.91 -9.84
CA LEU A 17 -21.60 -18.88 -8.90
C LEU A 17 -22.53 -17.67 -8.90
N TYR A 18 -22.82 -17.14 -10.10
CA TYR A 18 -23.60 -15.90 -10.16
C TYR A 18 -25.05 -16.09 -9.74
N ILE A 19 -25.64 -17.20 -10.14
CA ILE A 19 -27.05 -17.39 -9.91
C ILE A 19 -27.38 -18.09 -8.61
N ASN A 20 -26.66 -19.17 -8.34
CA ASN A 20 -27.03 -20.05 -7.24
C ASN A 20 -26.24 -19.80 -5.97
N LYS A 21 -24.99 -19.34 -6.10
CA LYS A 21 -24.22 -19.06 -4.88
C LYS A 21 -24.41 -17.62 -4.42
N LEU A 22 -24.27 -16.67 -5.37
CA LEU A 22 -24.35 -15.24 -5.05
C LEU A 22 -25.77 -14.70 -5.17
N ASN A 23 -26.64 -15.45 -5.85
CA ASN A 23 -28.03 -15.03 -6.06
C ASN A 23 -28.09 -13.58 -6.60
N LEU A 24 -27.33 -13.30 -7.66
CA LEU A 24 -27.35 -11.94 -8.24
C LEU A 24 -28.78 -11.51 -8.65
N PRO A 25 -29.61 -12.44 -9.21
CA PRO A 25 -30.94 -11.93 -9.61
C PRO A 25 -31.68 -11.26 -8.45
N GLU A 26 -31.55 -11.78 -7.23
CA GLU A 26 -32.30 -11.22 -6.10
C GLU A 26 -31.51 -10.16 -5.31
N LYS A 27 -30.18 -10.26 -5.31
CA LYS A 27 -29.38 -9.34 -4.50
C LYS A 27 -28.89 -8.12 -5.27
N PHE A 28 -28.76 -8.23 -6.59
CA PHE A 28 -28.27 -7.10 -7.40
C PHE A 28 -29.25 -6.75 -8.51
N GLY A 29 -29.80 -7.77 -9.17
CA GLY A 29 -30.82 -7.55 -10.17
C GLY A 29 -30.43 -8.15 -11.49
N GLY A 30 -31.19 -7.83 -12.53
CA GLY A 30 -30.92 -8.42 -13.84
C GLY A 30 -31.38 -9.86 -13.93
N GLU A 31 -31.11 -10.47 -15.08
CA GLU A 31 -31.47 -11.86 -15.32
C GLU A 31 -30.30 -12.58 -15.97
N PRO A 32 -30.18 -13.88 -15.69
CA PRO A 32 -29.08 -14.61 -16.31
C PRO A 32 -29.23 -14.77 -17.82
N PRO A 33 -28.12 -15.07 -18.51
CA PRO A 33 -26.79 -15.31 -17.96
C PRO A 33 -26.05 -14.02 -17.63
N TYR A 34 -25.01 -14.19 -16.82
CA TYR A 34 -24.15 -13.12 -16.35
C TYR A 34 -22.72 -13.31 -16.88
N GLY A 35 -21.90 -12.30 -16.75
CA GLY A 35 -20.48 -12.48 -17.05
C GLY A 35 -20.23 -12.60 -18.56
N GLY A 36 -19.33 -13.49 -18.93
CA GLY A 36 -18.81 -13.50 -20.30
C GLY A 36 -19.84 -13.78 -21.35
N SER A 37 -20.73 -14.74 -21.09
CA SER A 37 -21.79 -15.03 -22.05
C SER A 37 -22.72 -13.82 -22.16
N ARG A 38 -22.90 -13.06 -21.08
CA ARG A 38 -23.74 -11.84 -21.21
C ARG A 38 -23.03 -10.74 -22.02
N MET A 39 -21.71 -10.63 -21.84
CA MET A 39 -20.93 -9.74 -22.69
C MET A 39 -21.10 -10.12 -24.18
N ALA A 40 -21.00 -11.41 -24.47
CA ALA A 40 -21.22 -11.90 -25.83
C ALA A 40 -22.58 -11.53 -26.37
N ILE A 41 -23.63 -11.76 -25.57
CA ILE A 41 -24.98 -11.37 -25.95
C ILE A 41 -25.06 -9.87 -26.26
N GLU A 42 -24.50 -9.04 -25.40
CA GLU A 42 -24.60 -7.59 -25.59
C GLU A 42 -23.83 -7.10 -26.84
N PHE A 43 -22.66 -7.69 -27.07
CA PHE A 43 -21.89 -7.36 -28.25
C PHE A 43 -22.64 -7.81 -29.51
N ALA A 44 -23.27 -8.98 -29.46
CA ALA A 44 -23.99 -9.48 -30.62
C ALA A 44 -25.24 -8.64 -30.89
N GLU A 45 -25.91 -8.22 -29.83
CA GLU A 45 -27.11 -7.38 -30.00
C GLU A 45 -26.80 -5.98 -30.49
N ALA A 46 -25.54 -5.59 -30.38
CA ALA A 46 -25.10 -4.29 -30.86
C ALA A 46 -24.62 -4.37 -32.32
N GLY A 47 -24.68 -5.60 -32.88
CA GLY A 47 -24.49 -5.77 -34.31
C GLY A 47 -23.14 -6.36 -34.70
N HIS A 48 -22.37 -6.71 -33.69
CA HIS A 48 -21.05 -7.34 -33.94
C HIS A 48 -21.19 -8.83 -34.27
N ASP A 49 -20.16 -9.38 -34.90
CA ASP A 49 -20.14 -10.77 -35.35
C ASP A 49 -19.39 -11.55 -34.27
N VAL A 50 -20.13 -12.20 -33.35
CA VAL A 50 -19.53 -12.68 -32.10
C VAL A 50 -19.43 -14.20 -32.02
N VAL A 51 -18.25 -14.67 -31.66
CA VAL A 51 -18.04 -16.06 -31.32
C VAL A 51 -17.72 -16.14 -29.82
N LEU A 52 -18.37 -17.06 -29.12
CA LEU A 52 -18.09 -17.32 -27.70
C LEU A 52 -17.46 -18.71 -27.60
N ALA A 53 -16.24 -18.74 -27.09
CA ALA A 53 -15.53 -20.00 -26.97
C ALA A 53 -15.72 -20.50 -25.55
N GLU A 54 -16.32 -21.68 -25.41
CA GLU A 54 -16.56 -22.25 -24.09
C GLU A 54 -16.50 -23.76 -24.22
N PRO A 55 -15.41 -24.36 -23.73
CA PRO A 55 -15.20 -25.82 -23.85
C PRO A 55 -16.10 -26.61 -22.91
N ASN A 56 -16.68 -25.97 -21.90
CA ASN A 56 -17.46 -26.69 -20.91
C ASN A 56 -18.95 -26.44 -21.12
N LYS A 57 -19.61 -27.36 -21.81
CA LYS A 57 -21.04 -27.20 -22.11
C LYS A 57 -21.87 -27.09 -20.84
N ASN A 58 -21.40 -27.74 -19.77
CA ASN A 58 -22.18 -27.77 -18.53
C ASN A 58 -22.11 -26.51 -17.67
N ILE A 59 -21.38 -25.50 -18.14
CA ILE A 59 -21.21 -24.27 -17.33
C ILE A 59 -22.50 -23.44 -17.24
N MET A 60 -23.49 -23.75 -18.06
CA MET A 60 -24.82 -23.17 -17.82
C MET A 60 -25.92 -24.12 -18.27
N SER A 61 -27.13 -23.85 -17.80
CA SER A 61 -28.31 -24.65 -18.13
C SER A 61 -28.65 -24.46 -19.60
N ASP A 62 -29.44 -25.41 -20.13
CA ASP A 62 -29.83 -25.37 -21.55
C ASP A 62 -30.58 -24.08 -21.90
N ASP A 63 -31.45 -23.63 -20.99
CA ASP A 63 -32.25 -22.43 -21.26
C ASP A 63 -31.37 -21.20 -21.38
N LEU A 64 -30.24 -21.18 -20.67
CA LEU A 64 -29.37 -20.02 -20.76
C LEU A 64 -28.57 -20.07 -22.06
N TRP A 65 -28.19 -21.28 -22.48
CA TRP A 65 -27.52 -21.43 -23.78
C TRP A 65 -28.47 -20.97 -24.87
N LYS A 66 -29.75 -21.26 -24.72
CA LYS A 66 -30.67 -20.80 -25.75
C LYS A 66 -30.72 -19.27 -25.83
N LYS A 67 -30.61 -18.58 -24.69
CA LYS A 67 -30.53 -17.13 -24.72
C LYS A 67 -29.30 -16.64 -25.49
N VAL A 68 -28.18 -17.31 -25.27
CA VAL A 68 -26.95 -16.94 -25.97
C VAL A 68 -27.14 -17.10 -27.49
N GLU A 69 -27.66 -18.24 -27.90
CA GLU A 69 -27.83 -18.49 -29.30
C GLU A 69 -28.88 -17.59 -29.93
N ASP A 70 -29.94 -17.27 -29.18
CA ASP A 70 -31.00 -16.44 -29.78
C ASP A 70 -30.54 -15.01 -30.02
N ALA A 71 -29.49 -14.61 -29.31
CA ALA A 71 -28.87 -13.29 -29.50
C ALA A 71 -27.98 -13.25 -30.75
N GLY A 72 -27.74 -14.40 -31.37
CA GLY A 72 -26.90 -14.45 -32.56
C GLY A 72 -25.42 -14.74 -32.30
N VAL A 73 -25.09 -15.05 -31.06
CA VAL A 73 -23.74 -15.54 -30.70
C VAL A 73 -23.51 -16.95 -31.26
N LYS A 74 -22.34 -17.15 -31.87
CA LYS A 74 -21.97 -18.47 -32.36
C LYS A 74 -21.13 -19.11 -31.28
N VAL A 75 -21.52 -20.29 -30.78
CA VAL A 75 -20.80 -20.89 -29.66
C VAL A 75 -19.91 -21.99 -30.20
N VAL A 76 -18.63 -21.98 -29.81
CA VAL A 76 -17.68 -23.02 -30.22
C VAL A 76 -17.02 -23.58 -28.96
N SER A 77 -16.51 -24.79 -29.04
CA SER A 77 -15.83 -25.41 -27.90
C SER A 77 -14.31 -25.27 -27.99
N ASP A 78 -13.81 -24.89 -29.16
CA ASP A 78 -12.37 -24.79 -29.40
C ASP A 78 -11.86 -23.34 -29.45
N ASP A 79 -11.00 -22.98 -28.51
CA ASP A 79 -10.46 -21.61 -28.44
C ASP A 79 -9.74 -21.25 -29.75
N VAL A 80 -9.16 -22.24 -30.45
CA VAL A 80 -8.45 -21.94 -31.69
C VAL A 80 -9.38 -21.44 -32.80
N GLU A 81 -10.60 -21.95 -32.85
CA GLU A 81 -11.54 -21.47 -33.86
C GLU A 81 -11.91 -20.02 -33.56
N ALA A 82 -12.12 -19.74 -32.28
CA ALA A 82 -12.44 -18.37 -31.87
C ALA A 82 -11.23 -17.48 -32.12
N ALA A 83 -10.01 -18.02 -31.97
CA ALA A 83 -8.80 -17.22 -32.21
C ALA A 83 -8.75 -16.73 -33.65
N LYS A 84 -9.07 -17.60 -34.61
CA LYS A 84 -8.97 -17.19 -35.99
C LYS A 84 -10.07 -16.26 -36.44
N HIS A 85 -11.14 -16.21 -35.65
CA HIS A 85 -12.33 -15.38 -35.98
C HIS A 85 -12.15 -13.87 -35.70
N GLY A 86 -11.60 -13.52 -34.56
CA GLY A 86 -11.82 -12.17 -34.04
C GLY A 86 -10.76 -11.14 -34.35
N GLU A 87 -11.16 -9.88 -34.51
CA GLU A 87 -10.15 -8.80 -34.49
C GLU A 87 -9.91 -8.32 -33.07
N ILE A 88 -10.86 -8.63 -32.19
CA ILE A 88 -10.70 -8.31 -30.78
C ILE A 88 -11.11 -9.57 -29.97
N HIS A 89 -10.31 -9.89 -28.95
CA HIS A 89 -10.44 -11.09 -28.17
C HIS A 89 -10.59 -10.72 -26.72
N VAL A 90 -11.71 -11.12 -26.13
CA VAL A 90 -12.07 -10.70 -24.77
C VAL A 90 -12.05 -11.90 -23.84
N LEU A 91 -11.07 -11.94 -22.91
CA LEU A 91 -10.92 -13.11 -22.05
C LEU A 91 -11.76 -12.99 -20.79
N PHE A 92 -12.78 -13.84 -20.63
CA PHE A 92 -13.58 -13.84 -19.41
C PHE A 92 -13.22 -15.14 -18.73
N THR A 93 -12.02 -15.22 -18.23
CA THR A 93 -11.48 -16.54 -18.08
C THR A 93 -11.34 -16.84 -16.65
N PRO A 94 -11.53 -18.13 -16.28
CA PRO A 94 -11.56 -18.56 -14.87
C PRO A 94 -10.37 -17.93 -14.21
N PHE A 95 -10.63 -17.43 -13.02
CA PHE A 95 -9.79 -16.40 -12.46
C PHE A 95 -8.68 -17.07 -11.67
N GLY A 96 -8.05 -18.01 -12.37
CA GLY A 96 -6.88 -18.70 -11.91
C GLY A 96 -5.81 -18.43 -12.95
N LYS A 97 -5.21 -19.49 -13.48
CA LYS A 97 -4.18 -19.35 -14.51
C LYS A 97 -4.73 -19.54 -15.91
N ALA A 98 -6.05 -19.69 -16.01
CA ALA A 98 -6.62 -20.01 -17.32
C ALA A 98 -6.49 -18.83 -18.24
N THR A 99 -6.37 -17.62 -17.67
CA THR A 99 -6.17 -16.44 -18.48
C THR A 99 -4.90 -16.60 -19.32
N PHE A 100 -3.83 -17.01 -18.66
CA PHE A 100 -2.55 -17.14 -19.32
C PHE A 100 -2.53 -18.28 -20.32
N ARG A 101 -3.16 -19.39 -19.96
CA ARG A 101 -3.20 -20.54 -20.85
C ARG A 101 -3.98 -20.21 -22.14
N ILE A 102 -5.16 -19.63 -21.99
CA ILE A 102 -5.96 -19.29 -23.17
C ILE A 102 -5.26 -18.23 -24.02
N ALA A 103 -4.67 -17.23 -23.38
CA ALA A 103 -3.92 -16.22 -24.13
C ALA A 103 -2.78 -16.85 -24.98
N LYS A 104 -2.01 -17.75 -24.36
CA LYS A 104 -0.91 -18.43 -25.04
C LYS A 104 -1.44 -19.35 -26.13
N THR A 105 -2.63 -19.89 -25.92
CA THR A 105 -3.23 -20.77 -26.91
C THR A 105 -3.65 -19.99 -28.13
N ILE A 106 -4.19 -18.79 -27.95
CA ILE A 106 -4.68 -18.10 -29.13
C ILE A 106 -3.68 -17.18 -29.84
N ILE A 107 -2.64 -16.76 -29.14
CA ILE A 107 -1.79 -15.69 -29.66
C ILE A 107 -1.17 -16.04 -31.02
N GLU A 108 -0.84 -17.30 -31.29
CA GLU A 108 -0.26 -17.53 -32.63
C GLU A 108 -1.28 -17.87 -33.69
N HIS A 109 -2.56 -17.80 -33.33
CA HIS A 109 -3.63 -18.02 -34.30
C HIS A 109 -4.49 -16.78 -34.59
N VAL A 110 -4.42 -15.75 -33.77
CA VAL A 110 -5.27 -14.57 -34.02
C VAL A 110 -4.80 -13.86 -35.28
N PRO A 111 -5.76 -13.20 -35.98
CA PRO A 111 -5.41 -12.49 -37.21
C PRO A 111 -4.37 -11.39 -37.01
N GLU A 112 -3.78 -10.93 -38.12
CA GLU A 112 -2.92 -9.78 -38.15
C GLU A 112 -3.58 -8.61 -37.43
N ASN A 113 -2.83 -7.92 -36.56
CA ASN A 113 -3.34 -6.70 -35.90
C ASN A 113 -4.47 -6.89 -34.88
N ALA A 114 -4.74 -8.12 -34.44
CA ALA A 114 -5.72 -8.37 -33.41
C ALA A 114 -5.31 -7.76 -32.09
N VAL A 115 -6.29 -7.45 -31.28
CA VAL A 115 -6.03 -7.06 -29.88
C VAL A 115 -6.68 -8.05 -28.90
N ILE A 116 -5.94 -8.39 -27.84
CA ILE A 116 -6.39 -9.31 -26.80
C ILE A 116 -6.61 -8.51 -25.54
N CYS A 117 -7.82 -8.60 -24.98
CA CYS A 117 -8.18 -7.86 -23.77
C CYS A 117 -8.55 -8.79 -22.64
N ASN A 118 -7.93 -8.62 -21.47
CA ASN A 118 -8.47 -9.35 -20.33
C ASN A 118 -9.62 -8.59 -19.65
N THR A 119 -10.45 -9.28 -18.91
CA THR A 119 -11.55 -8.56 -18.24
C THR A 119 -11.40 -8.33 -16.77
N CYS A 120 -11.04 -9.37 -16.04
CA CYS A 120 -11.01 -9.22 -14.59
C CYS A 120 -9.80 -9.92 -14.03
N THR A 121 -9.34 -9.40 -12.89
CA THR A 121 -8.22 -9.92 -12.10
C THR A 121 -6.81 -9.61 -12.66
N VAL A 122 -6.40 -10.29 -13.73
CA VAL A 122 -5.03 -10.11 -14.25
C VAL A 122 -4.86 -8.71 -14.85
N SER A 123 -3.79 -8.03 -14.47
CA SER A 123 -3.47 -6.73 -15.07
C SER A 123 -3.03 -6.90 -16.52
N PRO A 124 -3.45 -6.00 -17.41
CA PRO A 124 -2.99 -6.13 -18.80
C PRO A 124 -1.45 -6.05 -18.95
N VAL A 125 -0.79 -5.36 -18.04
CA VAL A 125 0.65 -5.29 -18.08
C VAL A 125 1.23 -6.67 -17.84
N VAL A 126 0.65 -7.42 -16.89
CA VAL A 126 1.14 -8.78 -16.58
C VAL A 126 0.81 -9.75 -17.73
N LEU A 127 -0.37 -9.57 -18.33
CA LEU A 127 -0.76 -10.38 -19.50
C LEU A 127 0.23 -10.12 -20.62
N TYR A 128 0.56 -8.85 -20.84
CA TYR A 128 1.60 -8.51 -21.83
C TYR A 128 2.92 -9.20 -21.48
N TYR A 129 3.36 -9.11 -20.22
CA TYR A 129 4.59 -9.76 -19.85
C TYR A 129 4.60 -11.27 -20.11
N SER A 130 3.45 -11.90 -19.91
CA SER A 130 3.35 -13.35 -20.07
C SER A 130 3.50 -13.76 -21.54
N LEU A 131 3.14 -12.84 -22.43
CA LEU A 131 3.17 -13.10 -23.88
C LEU A 131 4.37 -12.45 -24.57
N GLU A 132 5.17 -11.71 -23.80
CA GLU A 132 6.19 -10.87 -24.38
C GLU A 132 7.23 -11.58 -25.26
N PRO A 133 7.64 -12.84 -24.92
CA PRO A 133 8.59 -13.48 -25.84
C PRO A 133 8.03 -13.66 -27.26
N ILE A 134 6.70 -13.73 -27.37
CA ILE A 134 6.06 -13.89 -28.68
C ILE A 134 5.72 -12.52 -29.28
N LEU A 135 5.29 -11.58 -28.43
CA LEU A 135 4.94 -10.24 -28.93
C LEU A 135 6.15 -9.48 -29.47
N ARG A 136 7.33 -9.74 -28.87
CA ARG A 136 8.56 -9.08 -29.17
C ARG A 136 9.02 -9.29 -30.59
N THR A 137 8.71 -10.48 -31.07
CA THR A 137 9.32 -11.09 -32.23
C THR A 137 8.29 -11.47 -33.30
N LYS A 138 7.56 -12.55 -33.07
CA LYS A 138 6.73 -13.11 -34.13
C LYS A 138 5.41 -12.38 -34.31
N ARG A 139 4.88 -11.81 -33.24
CA ARG A 139 3.57 -11.14 -33.29
C ARG A 139 3.66 -9.68 -32.79
N LYS A 140 4.55 -8.91 -33.43
CA LYS A 140 4.76 -7.50 -33.12
C LYS A 140 3.50 -6.70 -33.43
N ASP A 141 2.58 -7.32 -34.16
CA ASP A 141 1.34 -6.66 -34.58
C ASP A 141 0.23 -6.72 -33.52
N VAL A 142 0.34 -7.62 -32.53
CA VAL A 142 -0.77 -7.94 -31.64
C VAL A 142 -0.74 -7.00 -30.47
N GLY A 143 -1.89 -6.45 -30.13
CA GLY A 143 -1.95 -5.55 -29.01
C GLY A 143 -2.54 -6.23 -27.77
N ILE A 144 -2.19 -5.69 -26.60
CA ILE A 144 -2.80 -6.15 -25.34
C ILE A 144 -3.54 -5.00 -24.67
N SER A 145 -4.79 -5.22 -24.25
CA SER A 145 -5.52 -4.19 -23.55
C SER A 145 -6.45 -4.85 -22.51
N SER A 146 -7.50 -4.16 -22.10
CA SER A 146 -8.41 -4.79 -21.15
C SER A 146 -9.76 -4.14 -21.29
N MET A 147 -10.81 -4.84 -20.84
CA MET A 147 -12.17 -4.34 -20.82
C MET A 147 -12.75 -4.78 -19.47
N HIS A 148 -12.42 -4.01 -18.44
CA HIS A 148 -12.79 -4.37 -17.05
C HIS A 148 -14.21 -3.88 -16.82
N PRO A 149 -15.17 -4.79 -16.62
CA PRO A 149 -16.52 -4.26 -16.42
C PRO A 149 -16.75 -3.58 -15.09
N ALA A 150 -15.94 -3.88 -14.08
CA ALA A 150 -16.12 -3.18 -12.80
C ALA A 150 -17.50 -3.47 -12.11
N ALA A 151 -18.24 -4.44 -12.65
CA ALA A 151 -19.47 -4.97 -12.07
C ALA A 151 -19.70 -6.26 -12.85
N VAL A 152 -20.54 -7.16 -12.37
CA VAL A 152 -20.77 -8.39 -13.14
C VAL A 152 -21.67 -8.02 -14.31
N PRO A 153 -21.22 -8.29 -15.54
CA PRO A 153 -22.09 -8.02 -16.70
C PRO A 153 -23.40 -8.78 -16.59
N GLY A 154 -24.49 -8.04 -16.85
CA GLY A 154 -25.83 -8.55 -16.66
C GLY A 154 -26.55 -7.95 -15.46
N THR A 155 -25.79 -7.40 -14.51
CA THR A 155 -26.38 -6.73 -13.36
C THR A 155 -26.59 -5.26 -13.69
N PRO A 156 -27.56 -4.61 -13.02
CA PRO A 156 -27.80 -3.19 -13.30
C PRO A 156 -26.59 -2.31 -12.98
N GLN A 157 -25.74 -2.76 -12.08
CA GLN A 157 -24.57 -2.01 -11.63
C GLN A 157 -23.51 -1.92 -12.72
N HIS A 158 -23.63 -2.76 -13.75
CA HIS A 158 -22.69 -2.69 -14.88
C HIS A 158 -23.06 -1.60 -15.88
N GLY A 159 -22.41 -0.44 -15.76
CA GLY A 159 -22.68 0.65 -16.67
C GLY A 159 -21.53 1.16 -17.51
N HIS A 160 -20.32 0.63 -17.27
CA HIS A 160 -19.13 1.10 -17.97
C HIS A 160 -18.10 0.02 -18.06
N TYR A 161 -17.12 0.25 -18.92
CA TYR A 161 -15.89 -0.52 -18.92
C TYR A 161 -14.71 0.38 -18.69
N VAL A 162 -13.69 -0.14 -18.04
CA VAL A 162 -12.39 0.56 -17.93
C VAL A 162 -11.44 -0.14 -18.89
N ILE A 163 -10.85 0.63 -19.79
CA ILE A 163 -10.02 0.05 -20.85
C ILE A 163 -8.56 0.46 -20.59
N GLY A 164 -7.67 -0.53 -20.54
CA GLY A 164 -6.27 -0.22 -20.24
C GLY A 164 -5.53 0.35 -21.44
N GLY A 165 -5.09 1.60 -21.35
CA GLY A 165 -4.47 2.33 -22.43
C GLY A 165 -2.95 2.45 -22.16
N LYS A 166 -2.31 3.42 -22.80
CA LYS A 166 -0.85 3.64 -22.66
C LYS A 166 -0.51 3.75 -21.19
N THR A 167 0.56 3.10 -20.75
CA THR A 167 0.88 3.10 -19.31
C THR A 167 1.41 4.46 -18.86
N THR A 168 1.40 4.69 -17.55
CA THR A 168 1.88 5.97 -17.08
C THR A 168 3.36 6.18 -17.45
N ASP A 169 4.14 5.10 -17.60
CA ASP A 169 5.56 5.28 -17.94
C ASP A 169 5.76 5.18 -19.47
N GLY A 170 4.65 5.26 -20.20
CA GLY A 170 4.73 5.46 -21.63
C GLY A 170 4.79 4.22 -22.51
N LYS A 171 4.53 3.03 -21.96
CA LYS A 171 4.54 1.82 -22.78
C LYS A 171 3.21 1.73 -23.53
N GLU A 172 3.28 1.49 -24.83
CA GLU A 172 2.06 1.28 -25.57
C GLU A 172 1.91 -0.20 -25.78
N LEU A 173 1.02 -0.84 -25.03
CA LEU A 173 0.88 -2.29 -25.11
C LEU A 173 -0.08 -2.65 -26.25
N ALA A 174 -0.79 -1.65 -26.73
CA ALA A 174 -1.67 -1.76 -27.91
C ALA A 174 -1.63 -0.45 -28.67
N THR A 175 -1.96 -0.52 -29.97
CA THR A 175 -1.98 0.70 -30.77
C THR A 175 -3.24 1.53 -30.48
N GLU A 176 -3.23 2.79 -30.93
CA GLU A 176 -4.40 3.65 -30.83
C GLU A 176 -5.59 3.02 -31.55
N GLU A 177 -5.34 2.43 -32.70
CA GLU A 177 -6.41 1.77 -33.44
C GLU A 177 -7.01 0.57 -32.67
N GLN A 178 -6.16 -0.22 -32.01
CA GLN A 178 -6.67 -1.35 -31.22
C GLN A 178 -7.48 -0.84 -30.00
N ILE A 179 -6.97 0.18 -29.32
CA ILE A 179 -7.66 0.73 -28.16
C ILE A 179 -9.02 1.31 -28.57
N LYS A 180 -9.04 1.92 -29.74
CA LYS A 180 -10.27 2.47 -30.28
C LYS A 180 -11.33 1.37 -30.47
N LYS A 181 -10.92 0.18 -30.88
CA LYS A 181 -11.86 -0.92 -31.07
C LYS A 181 -12.47 -1.35 -29.75
N ALA A 182 -11.64 -1.42 -28.70
CA ALA A 182 -12.15 -1.79 -27.41
C ALA A 182 -13.16 -0.74 -26.89
N VAL A 183 -12.84 0.55 -27.09
CA VAL A 183 -13.74 1.65 -26.69
C VAL A 183 -15.06 1.54 -27.41
N GLU A 184 -14.99 1.30 -28.71
CA GLU A 184 -16.22 1.21 -29.50
C GLU A 184 -17.05 0.00 -29.15
N LEU A 185 -16.37 -1.11 -28.84
CA LEU A 185 -17.04 -2.33 -28.47
C LEU A 185 -17.80 -2.04 -27.17
N ALA A 186 -17.16 -1.32 -26.23
CA ALA A 186 -17.90 -0.88 -25.04
C ALA A 186 -19.07 0.11 -25.37
N LYS A 187 -18.84 1.11 -26.22
CA LYS A 187 -19.89 2.08 -26.43
C LYS A 187 -21.05 1.52 -27.23
N SER A 188 -20.77 0.64 -28.18
CA SER A 188 -21.88 0.07 -28.95
C SER A 188 -22.86 -0.74 -28.08
N ALA A 189 -22.41 -1.24 -26.94
CA ALA A 189 -23.30 -2.00 -26.07
C ALA A 189 -23.95 -1.17 -24.96
N GLY A 190 -23.92 0.16 -25.10
CA GLY A 190 -24.66 1.08 -24.24
C GLY A 190 -23.93 1.36 -22.93
N LYS A 191 -22.66 0.97 -22.91
CA LYS A 191 -21.82 1.17 -21.73
C LYS A 191 -20.94 2.41 -21.93
N GLU A 192 -20.56 3.13 -20.88
CA GLU A 192 -19.54 4.14 -21.11
C GLU A 192 -18.17 3.48 -21.11
N ALA A 193 -17.20 4.12 -21.72
CA ALA A 193 -15.87 3.52 -21.79
C ALA A 193 -14.87 4.54 -21.30
N TYR A 194 -14.03 4.13 -20.34
CA TYR A 194 -13.06 5.07 -19.78
C TYR A 194 -11.71 4.46 -20.00
N VAL A 195 -10.84 5.22 -20.69
CA VAL A 195 -9.48 4.71 -20.93
C VAL A 195 -8.61 5.19 -19.80
N VAL A 196 -7.93 4.23 -19.16
CA VAL A 196 -7.07 4.47 -17.96
C VAL A 196 -5.70 3.81 -18.26
N PRO A 197 -4.59 4.39 -17.79
CA PRO A 197 -3.31 3.72 -18.08
C PRO A 197 -3.34 2.25 -17.66
N ALA A 198 -2.75 1.37 -18.48
CA ALA A 198 -2.91 -0.03 -18.20
C ALA A 198 -2.25 -0.49 -16.91
N ASP A 199 -1.27 0.29 -16.43
CA ASP A 199 -0.64 -0.09 -15.21
C ASP A 199 -1.50 0.21 -14.00
N VAL A 200 -2.61 0.94 -14.13
CA VAL A 200 -3.45 1.14 -12.95
C VAL A 200 -4.85 0.61 -13.18
N SER A 201 -5.18 0.23 -14.41
CA SER A 201 -6.59 -0.09 -14.67
C SER A 201 -7.18 -1.22 -13.76
N SER A 202 -6.43 -2.27 -13.43
CA SER A 202 -7.03 -3.38 -12.64
C SER A 202 -7.25 -2.89 -11.21
N VAL A 203 -6.44 -1.94 -10.75
CA VAL A 203 -6.56 -1.43 -9.40
C VAL A 203 -7.78 -0.55 -9.21
N VAL A 204 -8.28 0.03 -10.30
CA VAL A 204 -9.42 0.91 -10.21
C VAL A 204 -10.68 0.16 -10.51
N ALA A 205 -10.58 -0.94 -11.26
CA ALA A 205 -11.82 -1.54 -11.77
C ALA A 205 -12.15 -2.94 -11.30
N ASP A 206 -11.15 -3.73 -10.90
CA ASP A 206 -11.37 -5.13 -10.52
C ASP A 206 -11.81 -5.26 -9.06
N MET A 207 -11.95 -6.49 -8.58
CA MET A 207 -12.51 -6.67 -7.24
C MET A 207 -11.64 -6.06 -6.16
N GLY A 208 -10.35 -5.96 -6.42
CA GLY A 208 -9.46 -5.30 -5.47
C GLY A 208 -9.72 -3.82 -5.32
N SER A 209 -10.58 -3.25 -6.17
CA SER A 209 -10.97 -1.86 -5.99
C SER A 209 -11.59 -1.62 -4.60
N LEU A 210 -12.07 -2.69 -3.95
CA LEU A 210 -12.56 -2.59 -2.57
C LEU A 210 -11.38 -2.09 -1.75
N VAL A 211 -10.27 -2.78 -1.92
CA VAL A 211 -9.10 -2.37 -1.14
C VAL A 211 -8.62 -0.99 -1.54
N THR A 212 -8.63 -0.68 -2.84
CA THR A 212 -8.19 0.64 -3.31
C THR A 212 -9.02 1.77 -2.69
N ALA A 213 -10.34 1.59 -2.68
CA ALA A 213 -11.21 2.61 -2.14
C ALA A 213 -10.98 2.85 -0.66
N VAL A 214 -10.86 1.77 0.10
CA VAL A 214 -10.75 1.90 1.57
C VAL A 214 -9.35 2.46 1.93
N ALA A 215 -8.33 1.92 1.27
CA ALA A 215 -6.97 2.45 1.50
C ALA A 215 -6.88 3.93 1.13
N LEU A 216 -7.48 4.32 0.02
CA LEU A 216 -7.47 5.71 -0.39
C LEU A 216 -8.15 6.58 0.65
N SER A 217 -9.26 6.10 1.20
CA SER A 217 -9.96 6.92 2.18
C SER A 217 -9.11 7.17 3.42
N GLY A 218 -8.33 6.18 3.82
CA GLY A 218 -7.41 6.37 4.95
C GLY A 218 -6.29 7.33 4.59
N VAL A 219 -5.74 7.21 3.37
CA VAL A 219 -4.70 8.14 2.92
C VAL A 219 -5.22 9.59 2.99
N LEU A 220 -6.45 9.82 2.49
CA LEU A 220 -7.03 11.17 2.50
C LEU A 220 -7.36 11.65 3.89
N ASP A 221 -7.76 10.73 4.77
CA ASP A 221 -8.00 11.08 6.16
C ASP A 221 -6.71 11.67 6.79
N TYR A 222 -5.62 10.92 6.68
CA TYR A 222 -4.35 11.38 7.25
C TYR A 222 -3.86 12.68 6.58
N TYR A 223 -4.08 12.81 5.28
CA TYR A 223 -3.66 13.99 4.54
C TYR A 223 -4.37 15.18 5.17
N THR A 224 -5.65 14.99 5.46
CA THR A 224 -6.42 16.08 6.06
C THR A 224 -5.93 16.42 7.49
N VAL A 225 -5.76 15.40 8.33
CA VAL A 225 -5.25 15.57 9.71
C VAL A 225 -3.89 16.22 9.70
N GLY A 226 -3.03 15.61 8.89
CA GLY A 226 -1.65 16.02 8.74
C GLY A 226 -1.50 17.47 8.37
N ARG A 227 -2.25 17.91 7.37
CA ARG A 227 -2.10 19.28 6.88
C ARG A 227 -2.88 20.27 7.74
N LYS A 228 -4.13 19.91 8.08
CA LYS A 228 -5.03 20.89 8.69
C LYS A 228 -4.96 20.99 10.21
N ILE A 229 -4.53 19.91 10.87
CA ILE A 229 -4.46 19.92 12.33
C ILE A 229 -3.01 19.96 12.79
N ILE A 230 -2.20 19.04 12.29
CA ILE A 230 -0.82 18.94 12.73
C ILE A 230 0.08 19.97 12.07
N ASN A 231 -0.30 20.39 10.88
CA ASN A 231 0.54 21.20 10.01
C ASN A 231 1.86 20.50 9.70
N ALA A 232 1.83 19.18 9.52
CA ALA A 232 3.00 18.47 9.06
C ALA A 232 3.31 18.81 7.60
N PRO A 233 4.59 18.88 7.24
CA PRO A 233 4.94 19.21 5.85
C PRO A 233 4.36 18.19 4.90
N LYS A 234 3.98 18.63 3.70
CA LYS A 234 3.35 17.74 2.72
C LYS A 234 4.26 16.55 2.40
N LYS A 235 5.56 16.79 2.22
CA LYS A 235 6.46 15.70 1.85
C LYS A 235 6.60 14.65 2.94
N MET A 236 6.54 15.05 4.20
CA MET A 236 6.52 14.11 5.32
C MET A 236 5.30 13.22 5.27
N ILE A 237 4.14 13.86 5.11
CA ILE A 237 2.91 13.11 5.02
C ILE A 237 3.02 12.10 3.89
N GLU A 238 3.54 12.53 2.75
CA GLU A 238 3.66 11.64 1.60
C GLU A 238 4.65 10.52 1.87
N GLN A 239 5.79 10.85 2.51
CA GLN A 239 6.75 9.80 2.89
C GLN A 239 6.13 8.75 3.82
N GLN A 240 5.31 9.18 4.79
CA GLN A 240 4.66 8.24 5.70
C GLN A 240 3.62 7.35 4.99
N VAL A 241 2.86 7.93 4.07
CA VAL A 241 1.88 7.19 3.27
C VAL A 241 2.59 6.12 2.44
N ILE A 242 3.64 6.56 1.74
CA ILE A 242 4.42 5.61 0.95
C ILE A 242 5.00 4.47 1.80
N MET A 243 5.61 4.78 2.93
CA MET A 243 6.15 3.74 3.79
CA MET A 243 6.15 3.72 3.75
C MET A 243 5.07 2.76 4.22
N THR A 244 3.91 3.27 4.65
CA THR A 244 2.85 2.36 5.09
C THR A 244 2.39 1.43 3.98
N LEU A 245 2.03 2.01 2.84
CA LEU A 245 1.46 1.20 1.78
C LEU A 245 2.49 0.24 1.20
N GLN A 246 3.73 0.71 1.07
CA GLN A 246 4.82 -0.18 0.59
C GLN A 246 5.14 -1.33 1.56
N THR A 247 5.21 -1.03 2.85
CA THR A 247 5.50 -2.08 3.81
C THR A 247 4.40 -3.16 3.79
N MET A 248 3.15 -2.71 3.70
CA MET A 248 2.03 -3.62 3.67
C MET A 248 2.09 -4.51 2.43
N ALA A 249 2.35 -3.89 1.27
CA ALA A 249 2.46 -4.65 0.01
C ALA A 249 3.59 -5.67 0.11
N SER A 250 4.73 -5.21 0.57
CA SER A 250 5.89 -6.08 0.67
C SER A 250 5.68 -7.25 1.63
N LEU A 251 5.05 -7.00 2.79
CA LEU A 251 4.81 -8.06 3.76
C LEU A 251 3.83 -9.10 3.19
N VAL A 252 2.81 -8.67 2.45
CA VAL A 252 1.92 -9.65 1.85
C VAL A 252 2.68 -10.47 0.79
N GLU A 253 3.55 -9.77 0.04
CA GLU A 253 4.33 -10.46 -0.99
C GLU A 253 5.21 -11.56 -0.40
N THR A 254 5.89 -11.28 0.71
CA THR A 254 6.75 -12.31 1.28
C THR A 254 6.09 -13.29 2.23
N SER A 255 5.01 -12.87 2.90
CA SER A 255 4.55 -13.58 4.05
C SER A 255 3.06 -13.87 4.02
N GLY A 256 2.38 -13.42 2.96
CA GLY A 256 0.95 -13.68 2.85
C GLY A 256 0.14 -12.73 3.71
N ILE A 257 -1.18 -12.77 3.60
CA ILE A 257 -1.97 -11.82 4.40
C ILE A 257 -1.77 -12.08 5.90
N GLU A 258 -1.73 -13.35 6.30
CA GLU A 258 -1.61 -13.64 7.73
C GLU A 258 -0.26 -13.17 8.30
N GLY A 259 0.80 -13.36 7.54
CA GLY A 259 2.14 -12.94 7.97
C GLY A 259 2.22 -11.44 8.09
N MET A 260 1.59 -10.76 7.15
CA MET A 260 1.55 -9.33 7.18
C MET A 260 0.82 -8.87 8.45
N VAL A 261 -0.29 -9.52 8.75
CA VAL A 261 -1.06 -9.13 9.95
C VAL A 261 -0.23 -9.34 11.20
N LYS A 262 0.49 -10.47 11.23
CA LYS A 262 1.33 -10.79 12.38
C LYS A 262 2.41 -9.74 12.60
N ALA A 263 3.02 -9.31 11.50
CA ALA A 263 4.11 -8.33 11.53
C ALA A 263 3.59 -7.00 12.03
N LEU A 264 2.37 -6.63 11.63
CA LEU A 264 1.87 -5.29 11.98
C LEU A 264 1.19 -5.25 13.34
N ASN A 265 0.78 -6.41 13.87
CA ASN A 265 0.22 -6.48 15.23
C ASN A 265 -0.98 -5.58 15.45
N PRO A 266 -2.18 -6.10 15.15
CA PRO A 266 -3.41 -5.35 15.30
C PRO A 266 -3.58 -4.68 16.66
N GLU A 267 -3.20 -5.30 17.77
CA GLU A 267 -3.40 -4.64 19.07
C GLU A 267 -2.57 -3.37 19.16
N LEU A 268 -1.31 -3.43 18.76
CA LEU A 268 -0.45 -2.23 18.83
C LEU A 268 -0.95 -1.18 17.87
N LEU A 269 -1.38 -1.64 16.72
CA LEU A 269 -1.84 -0.78 15.67
C LEU A 269 -3.12 -0.04 16.07
N ILE A 270 -4.05 -0.78 16.68
CA ILE A 270 -5.26 -0.18 17.18
C ILE A 270 -4.93 0.92 18.18
N ARG A 271 -3.95 0.68 19.03
CA ARG A 271 -3.70 1.71 20.05
C ARG A 271 -3.16 3.01 19.43
N SER A 272 -2.20 2.89 18.53
CA SER A 272 -1.59 4.08 17.89
C SER A 272 -2.62 4.78 17.00
N ALA A 273 -3.41 4.02 16.26
CA ALA A 273 -4.35 4.67 15.34
C ALA A 273 -5.47 5.34 16.08
N SER A 274 -5.84 4.84 17.26
CA SER A 274 -6.82 5.48 18.12
C SER A 274 -6.42 6.89 18.50
N SER A 275 -5.13 7.12 18.70
CA SER A 275 -4.62 8.43 19.08
C SER A 275 -4.78 9.46 17.95
N MET A 276 -5.10 8.97 16.75
CA MET A 276 -5.24 9.82 15.58
C MET A 276 -6.69 10.20 15.30
N LYS A 277 -7.58 9.90 16.24
CA LYS A 277 -8.96 10.34 16.11
C LYS A 277 -9.01 11.81 16.55
N LEU A 278 -8.65 12.69 15.62
CA LEU A 278 -8.33 14.11 15.89
C LEU A 278 -9.27 15.06 15.19
N LEU A 279 -10.23 14.49 14.45
CA LEU A 279 -11.22 15.26 13.73
C LEU A 279 -12.56 14.82 14.29
N ASP A 280 -13.60 15.63 14.09
CA ASP A 280 -14.93 15.26 14.57
C ASP A 280 -15.51 14.03 13.88
N ARG A 281 -15.29 13.90 12.58
CA ARG A 281 -15.83 12.75 11.87
C ARG A 281 -14.75 12.05 11.04
N GLN A 282 -14.35 10.86 11.48
CA GLN A 282 -13.42 9.99 10.75
C GLN A 282 -14.07 8.60 10.67
N LYS A 283 -15.14 8.45 9.89
CA LYS A 283 -15.85 7.17 9.93
C LYS A 283 -14.97 6.02 9.41
N ASP A 284 -14.00 6.35 8.57
CA ASP A 284 -13.06 5.36 8.07
C ASP A 284 -12.25 4.79 9.21
N LEU A 285 -11.80 5.67 10.09
CA LEU A 285 -10.99 5.26 11.24
C LEU A 285 -11.88 4.48 12.24
N ASP A 286 -13.07 4.99 12.50
CA ASP A 286 -14.01 4.31 13.40
C ASP A 286 -14.27 2.89 12.93
N ALA A 287 -14.50 2.74 11.63
CA ALA A 287 -14.82 1.43 11.08
C ALA A 287 -13.60 0.51 11.22
N ALA A 288 -12.41 1.04 10.97
CA ALA A 288 -11.20 0.26 11.02
C ALA A 288 -10.93 -0.25 12.42
N LEU A 289 -11.13 0.62 13.40
CA LEU A 289 -10.85 0.24 14.77
C LEU A 289 -11.81 -0.89 15.16
N GLU A 290 -13.06 -0.80 14.73
CA GLU A 290 -14.02 -1.82 15.10
C GLU A 290 -13.68 -3.14 14.38
N ILE A 291 -13.29 -3.06 13.11
CA ILE A 291 -12.91 -4.25 12.36
C ILE A 291 -11.68 -4.96 12.97
N LEU A 292 -10.63 -4.20 13.22
CA LEU A 292 -9.42 -4.78 13.79
C LEU A 292 -9.54 -5.28 15.25
N GLN A 293 -10.40 -4.66 16.05
CA GLN A 293 -10.60 -5.08 17.45
C GLN A 293 -11.43 -6.33 17.56
N ASN A 294 -12.16 -6.65 16.49
CA ASN A 294 -13.12 -7.73 16.51
C ASN A 294 -12.83 -8.74 15.42
N LEU A 295 -11.54 -9.02 15.19
CA LEU A 295 -11.15 -10.02 14.22
C LEU A 295 -11.63 -11.43 14.56
N ASP A 296 -11.79 -12.24 13.52
CA ASP A 296 -12.33 -13.59 13.62
C ASP A 296 -11.37 -14.46 14.42
N GLU A 297 -11.89 -15.28 15.34
CA GLU A 297 -11.00 -16.04 16.21
C GLU A 297 -10.23 -17.11 15.41
N THR A 298 -10.80 -17.54 14.29
CA THR A 298 -10.10 -18.45 13.39
C THR A 298 -9.03 -17.69 12.63
N LEU A 299 -9.38 -16.49 12.15
CA LEU A 299 -8.40 -15.63 11.51
C LEU A 299 -7.38 -15.26 12.56
N LYS A 300 -7.88 -14.99 13.76
CA LYS A 300 -7.01 -14.56 14.83
C LYS A 300 -5.99 -15.65 15.00
N ALA A 301 -6.41 -16.91 14.96
CA ALA A 301 -5.52 -18.05 15.17
C ALA A 301 -4.46 -18.32 14.11
N GLU A 302 -4.79 -18.21 12.83
CA GLU A 302 -3.81 -18.51 11.79
C GLU A 302 -2.71 -17.42 11.67
N VAL A 303 -2.98 -16.24 12.20
CA VAL A 303 -1.99 -15.18 12.25
C VAL A 303 -0.81 -15.50 13.20
N GLU A 304 -1.08 -15.96 14.42
CA GLU A 304 0.00 -16.41 15.34
C GLU A 304 0.78 -17.58 14.79
N LYS A 305 0.14 -18.35 13.95
CA LYS A 305 0.75 -19.53 13.36
C LYS A 305 1.62 -19.11 12.16
N ALA A 306 1.44 -17.87 11.68
CA ALA A 306 2.13 -17.42 10.48
C ALA A 306 3.61 -17.12 10.72
N GLU A 307 4.42 -17.28 9.67
CA GLU A 307 5.81 -16.86 9.73
C GLU A 307 6.01 -15.53 9.01
N ILE A 308 6.75 -14.62 9.65
CA ILE A 308 7.16 -13.39 9.00
C ILE A 308 8.47 -13.65 8.27
N LYS A 309 8.43 -13.60 6.94
CA LYS A 309 9.58 -13.87 6.10
C LYS A 309 10.43 -12.62 5.87
N PRO A 310 11.71 -12.79 5.45
CA PRO A 310 12.56 -11.62 5.16
C PRO A 310 11.93 -10.66 4.19
N THR A 311 11.84 -9.39 4.60
CA THR A 311 11.14 -8.39 3.81
C THR A 311 12.02 -7.13 3.81
N THR A 312 12.39 -6.65 2.64
CA THR A 312 13.34 -5.55 2.51
C THR A 312 12.63 -4.22 2.34
N LEU A 313 12.97 -3.25 3.19
CA LEU A 313 12.44 -1.89 3.06
C LEU A 313 12.97 -1.30 1.78
N VAL A 314 12.06 -0.85 0.90
CA VAL A 314 12.49 -0.19 -0.33
C VAL A 314 11.71 1.08 -0.59
N ALA A 315 12.32 1.95 -1.38
CA ALA A 315 11.60 3.03 -2.05
C ALA A 315 11.44 2.55 -3.49
N ALA A 316 10.26 2.03 -3.87
CA ALA A 316 10.15 1.20 -5.10
C ALA A 316 10.45 1.99 -6.38
N GLN A 317 9.84 3.15 -6.57
CA GLN A 317 10.04 3.85 -7.82
C GLN A 317 11.46 4.44 -7.86
N SER A 318 11.96 4.86 -6.70
CA SER A 318 13.36 5.33 -6.62
C SER A 318 14.28 4.17 -6.96
N LEU A 319 13.93 2.96 -6.51
CA LEU A 319 14.75 1.78 -6.79
C LEU A 319 14.68 1.46 -8.31
N VAL A 320 13.51 1.62 -8.91
CA VAL A 320 13.38 1.40 -10.36
C VAL A 320 14.32 2.37 -11.12
N LYS A 321 14.29 3.67 -10.78
CA LYS A 321 15.19 4.63 -11.39
C LYS A 321 16.66 4.23 -11.14
N GLU A 322 16.93 3.80 -9.92
CA GLU A 322 18.27 3.42 -9.54
C GLU A 322 18.74 2.23 -10.41
N ILE A 323 17.88 1.22 -10.59
CA ILE A 323 18.30 0.05 -11.42
C ILE A 323 18.45 0.43 -12.89
N LYS A 324 17.57 1.28 -13.39
CA LYS A 324 17.70 1.76 -14.78
C LYS A 324 19.06 2.43 -15.02
N THR A 325 19.52 3.25 -14.08
CA THR A 325 20.81 3.91 -14.26
C THR A 325 21.96 2.95 -14.06
N LEU A 326 21.74 1.93 -13.22
CA LEU A 326 22.81 0.99 -12.85
CA LEU A 326 22.81 0.99 -12.85
C LEU A 326 23.09 0.01 -14.00
N ILE A 327 22.05 -0.64 -14.50
CA ILE A 327 22.30 -1.67 -15.51
C ILE A 327 21.72 -1.33 -16.88
N GLY A 328 21.14 -0.13 -16.98
CA GLY A 328 20.66 0.35 -18.27
C GLY A 328 19.18 0.04 -18.39
N GLY A 329 18.50 0.77 -19.28
CA GLY A 329 17.06 0.64 -19.39
C GLY A 329 16.61 -0.74 -19.84
N ALA A 330 17.33 -1.32 -20.79
CA ALA A 330 16.91 -2.60 -21.32
C ALA A 330 17.01 -3.70 -20.27
N ALA A 331 18.13 -3.73 -19.53
CA ALA A 331 18.30 -4.79 -18.57
C ALA A 331 17.38 -4.56 -17.37
N ALA A 332 17.15 -3.31 -17.00
CA ALA A 332 16.24 -3.03 -15.90
C ALA A 332 14.82 -3.47 -16.26
N GLU A 333 14.40 -3.21 -17.50
CA GLU A 333 13.07 -3.66 -17.91
C GLU A 333 12.95 -5.16 -17.89
N GLY A 334 14.01 -5.86 -18.32
CA GLY A 334 14.01 -7.30 -18.21
C GLY A 334 13.85 -7.77 -16.77
N ALA A 335 14.53 -7.10 -15.83
CA ALA A 335 14.45 -7.49 -14.45
C ALA A 335 13.04 -7.24 -13.88
N ILE A 336 12.43 -6.12 -14.29
CA ILE A 336 11.09 -5.75 -13.88
C ILE A 336 10.08 -6.74 -14.46
N LYS A 337 10.21 -7.06 -15.74
CA LYS A 337 9.33 -8.06 -16.37
C LYS A 337 9.42 -9.44 -15.68
N ARG A 338 10.64 -9.95 -15.49
CA ARG A 338 10.77 -11.28 -14.96
C ARG A 338 10.23 -11.40 -13.56
N SER A 339 10.54 -10.40 -12.74
CA SER A 339 10.15 -10.45 -11.35
C SER A 339 8.64 -10.23 -11.21
N ALA A 340 8.07 -9.40 -12.09
CA ALA A 340 6.61 -9.24 -12.11
C ALA A 340 5.91 -10.52 -12.54
N ARG A 341 6.45 -11.21 -13.54
CA ARG A 341 5.87 -12.48 -13.94
C ARG A 341 5.96 -13.52 -12.82
N LYS A 342 7.07 -13.52 -12.10
CA LYS A 342 7.26 -14.52 -11.06
C LYS A 342 6.18 -14.41 -9.97
N LEU A 343 5.80 -13.18 -9.61
CA LEU A 343 4.77 -12.99 -8.58
C LEU A 343 3.38 -13.14 -9.15
N PHE A 344 3.13 -12.49 -10.27
CA PHE A 344 1.75 -12.37 -10.76
C PHE A 344 1.31 -13.43 -11.81
N GLU A 345 2.24 -14.18 -12.38
CA GLU A 345 1.88 -15.20 -13.36
C GLU A 345 2.19 -16.60 -12.83
N HIS A 346 3.47 -16.85 -12.61
CA HIS A 346 3.98 -18.07 -12.00
C HIS A 346 3.48 -18.14 -10.56
N LYS B 1 22.24 -4.63 33.21
CA LYS B 1 22.34 -3.38 33.96
C LYS B 1 21.60 -2.23 33.24
N VAL B 2 20.47 -1.81 33.80
CA VAL B 2 19.58 -0.86 33.13
C VAL B 2 19.02 0.21 34.08
N ASP B 3 19.57 0.28 35.30
CA ASP B 3 19.12 1.28 36.25
C ASP B 3 20.04 2.49 36.24
N ASN B 4 19.47 3.65 36.52
CA ASN B 4 20.20 4.92 36.55
C ASN B 4 21.17 5.04 35.38
N MET B 5 20.59 4.99 34.19
CA MET B 5 21.36 5.24 33.00
C MET B 5 21.50 6.73 32.72
N LYS B 6 22.53 7.06 31.96
CA LYS B 6 22.70 8.43 31.49
C LYS B 6 21.94 8.56 30.18
N VAL B 7 20.95 9.46 30.17
CA VAL B 7 20.03 9.62 29.03
C VAL B 7 20.06 11.04 28.47
N SER B 8 20.08 11.15 27.14
CA SER B 8 19.99 12.43 26.46
C SER B 8 18.77 12.43 25.59
N VAL B 9 17.95 13.47 25.75
CA VAL B 9 16.76 13.66 24.92
C VAL B 9 16.96 14.91 24.10
N TYR B 10 16.58 14.87 22.83
CA TYR B 10 16.82 16.00 21.93
C TYR B 10 15.47 16.53 21.46
N GLY B 11 15.10 17.73 21.92
CA GLY B 11 13.86 18.36 21.48
C GLY B 11 12.82 18.35 22.58
N ALA B 12 12.36 19.53 22.99
CA ALA B 12 11.37 19.61 24.08
C ALA B 12 9.96 19.30 23.60
N GLY B 13 9.77 19.40 22.29
CA GLY B 13 8.44 19.29 21.74
C GLY B 13 7.75 20.63 21.57
N ASN B 14 7.07 20.76 20.45
CA ASN B 14 6.33 21.98 20.12
C ASN B 14 5.09 22.09 21.00
N GLN B 15 5.18 22.81 22.12
CA GLN B 15 4.04 22.85 23.04
C GLN B 15 2.82 23.58 22.44
N ASN B 16 3.06 24.45 21.46
CA ASN B 16 1.94 25.11 20.75
C ASN B 16 1.14 24.03 19.96
N LEU B 17 1.86 23.11 19.32
CA LEU B 17 1.20 21.99 18.65
C LEU B 17 0.34 21.21 19.66
N TYR B 18 0.92 20.83 20.79
CA TYR B 18 0.22 19.96 21.76
C TYR B 18 -0.88 20.68 22.52
N ILE B 19 -0.63 21.93 22.88
CA ILE B 19 -1.60 22.61 23.71
C ILE B 19 -2.70 23.23 22.88
N ASN B 20 -2.35 23.91 21.78
CA ASN B 20 -3.33 24.65 21.02
C ASN B 20 -3.80 23.99 19.71
N LYS B 21 -2.93 23.28 19.02
CA LYS B 21 -3.37 22.67 17.74
C LYS B 21 -4.11 21.36 18.00
N LEU B 22 -3.53 20.53 18.87
CA LEU B 22 -4.13 19.23 19.18
C LEU B 22 -5.07 19.33 20.39
N ASN B 23 -4.94 20.42 21.15
CA ASN B 23 -5.75 20.66 22.35
C ASN B 23 -5.78 19.44 23.26
N LEU B 24 -4.60 18.87 23.49
CA LEU B 24 -4.50 17.64 24.26
C LEU B 24 -5.09 17.70 25.69
N PRO B 25 -4.85 18.82 26.44
CA PRO B 25 -5.36 18.87 27.81
C PRO B 25 -6.87 18.67 27.90
N GLU B 26 -7.60 19.19 26.92
CA GLU B 26 -9.05 19.10 27.04
C GLU B 26 -9.61 17.90 26.32
N LYS B 27 -8.97 17.48 25.24
CA LYS B 27 -9.51 16.38 24.45
C LYS B 27 -8.90 15.01 24.77
N PHE B 28 -7.72 14.98 25.36
CA PHE B 28 -7.13 13.69 25.69
C PHE B 28 -6.81 13.58 27.18
N GLY B 29 -6.23 14.64 27.74
CA GLY B 29 -5.91 14.67 29.16
C GLY B 29 -4.46 15.01 29.46
N GLY B 30 -4.08 14.89 30.73
CA GLY B 30 -2.74 15.26 31.14
C GLY B 30 -2.50 16.75 31.24
N GLU B 31 -1.26 17.10 31.54
CA GLU B 31 -0.87 18.51 31.61
C GLU B 31 0.42 18.67 30.86
N PRO B 32 0.63 19.86 30.27
CA PRO B 32 1.89 20.15 29.63
C PRO B 32 3.01 20.24 30.68
N PRO B 33 4.28 20.07 30.26
CA PRO B 33 4.65 19.85 28.85
C PRO B 33 4.37 18.47 28.33
N TYR B 34 4.30 18.37 27.01
CA TYR B 34 4.07 17.09 26.34
C TYR B 34 5.27 16.75 25.49
N GLY B 35 5.31 15.52 24.98
CA GLY B 35 6.34 15.18 24.02
C GLY B 35 7.73 14.97 24.64
N GLY B 36 8.76 15.48 23.98
CA GLY B 36 10.15 15.15 24.29
C GLY B 36 10.51 15.57 25.70
N SER B 37 10.05 16.77 26.11
CA SER B 37 10.34 17.25 27.45
C SER B 37 9.60 16.37 28.49
N ARG B 38 8.42 15.88 28.15
CA ARG B 38 7.70 14.98 29.06
C ARG B 38 8.44 13.63 29.17
N MET B 39 9.00 13.15 28.06
CA MET B 39 9.83 11.92 28.07
C MET B 39 11.03 12.10 29.00
N ALA B 40 11.73 13.23 28.85
CA ALA B 40 12.85 13.52 29.76
C ALA B 40 12.37 13.52 31.22
N ILE B 41 11.24 14.18 31.50
CA ILE B 41 10.70 14.16 32.86
C ILE B 41 10.42 12.74 33.38
N GLU B 42 9.78 11.91 32.57
CA GLU B 42 9.42 10.56 33.01
C GLU B 42 10.67 9.70 33.21
N PHE B 43 11.69 9.89 32.35
CA PHE B 43 12.96 9.15 32.51
C PHE B 43 13.65 9.56 33.81
N ALA B 44 13.61 10.84 34.12
CA ALA B 44 14.23 11.37 35.34
C ALA B 44 13.48 10.89 36.59
N GLU B 45 12.15 10.81 36.50
CA GLU B 45 11.37 10.34 37.62
C GLU B 45 11.62 8.85 37.86
N ALA B 46 12.15 8.16 36.85
CA ALA B 46 12.48 6.75 36.99
C ALA B 46 13.90 6.56 37.53
N GLY B 47 14.62 7.67 37.71
CA GLY B 47 15.90 7.59 38.40
C GLY B 47 17.09 7.68 37.45
N HIS B 48 16.82 7.94 36.18
CA HIS B 48 17.90 8.10 35.20
C HIS B 48 18.50 9.51 35.27
N ASP B 49 19.71 9.62 34.76
CA ASP B 49 20.45 10.87 34.76
C ASP B 49 20.27 11.53 33.41
N VAL B 50 19.36 12.50 33.37
CA VAL B 50 18.83 12.98 32.09
C VAL B 50 19.24 14.42 31.72
N VAL B 51 19.72 14.57 30.49
CA VAL B 51 19.96 15.88 29.86
C VAL B 51 18.98 16.10 28.71
N LEU B 52 18.36 17.27 28.65
CA LEU B 52 17.48 17.62 27.53
C LEU B 52 18.13 18.73 26.69
N ALA B 53 18.37 18.46 25.41
CA ALA B 53 18.99 19.45 24.55
C ALA B 53 17.89 20.16 23.79
N GLU B 54 17.78 21.47 23.98
CA GLU B 54 16.77 22.26 23.28
C GLU B 54 17.30 23.66 22.98
N PRO B 55 17.61 23.92 21.69
CA PRO B 55 18.20 25.21 21.33
C PRO B 55 17.25 26.40 21.44
N ASN B 56 15.94 26.16 21.44
CA ASN B 56 14.95 27.24 21.46
C ASN B 56 14.22 27.37 22.80
N LYS B 57 14.70 28.25 23.68
CA LYS B 57 14.06 28.41 24.98
C LYS B 57 12.58 28.83 24.86
N ASN B 58 12.27 29.55 23.79
CA ASN B 58 10.93 30.12 23.62
C ASN B 58 9.88 29.09 23.19
N ILE B 59 10.29 27.83 23.07
CA ILE B 59 9.38 26.79 22.63
C ILE B 59 8.35 26.44 23.70
N MET B 60 8.59 26.86 24.95
CA MET B 60 7.53 26.77 25.95
C MET B 60 7.72 27.85 27.00
N SER B 61 6.65 28.11 27.77
CA SER B 61 6.72 29.15 28.79
C SER B 61 7.62 28.77 29.95
N ASP B 62 8.00 29.77 30.74
CA ASP B 62 8.85 29.56 31.92
C ASP B 62 8.20 28.57 32.87
N ASP B 63 6.88 28.63 32.99
CA ASP B 63 6.15 27.75 33.89
C ASP B 63 6.26 26.27 33.50
N LEU B 64 6.33 25.97 32.21
CA LEU B 64 6.47 24.58 31.81
C LEU B 64 7.93 24.14 31.95
N TRP B 65 8.86 25.06 31.69
CA TRP B 65 10.28 24.78 31.90
C TRP B 65 10.55 24.40 33.35
N LYS B 66 9.82 25.02 34.27
CA LYS B 66 9.99 24.72 35.71
C LYS B 66 9.67 23.26 35.99
N LYS B 67 8.69 22.72 35.27
CA LYS B 67 8.31 21.32 35.44
C LYS B 67 9.45 20.39 35.07
N VAL B 68 10.15 20.75 34.01
CA VAL B 68 11.30 19.98 33.55
C VAL B 68 12.41 20.01 34.58
N GLU B 69 12.72 21.20 35.07
CA GLU B 69 13.83 21.38 35.99
C GLU B 69 13.56 20.69 37.33
N ASP B 70 12.30 20.67 37.73
CA ASP B 70 11.91 20.05 38.99
C ASP B 70 12.02 18.53 39.03
N ALA B 71 11.97 17.91 37.86
CA ALA B 71 12.13 16.47 37.74
C ALA B 71 13.62 16.11 37.82
N GLY B 72 14.47 17.13 37.80
CA GLY B 72 15.90 16.92 37.88
C GLY B 72 16.59 16.81 36.52
N VAL B 73 15.84 17.06 35.46
CA VAL B 73 16.37 17.13 34.10
C VAL B 73 17.28 18.35 33.96
N LYS B 74 18.45 18.13 33.37
CA LYS B 74 19.38 19.22 33.10
C LYS B 74 19.18 19.69 31.67
N VAL B 75 18.91 20.99 31.51
CA VAL B 75 18.63 21.51 30.17
C VAL B 75 19.83 22.25 29.59
N VAL B 76 20.19 21.87 28.37
CA VAL B 76 21.27 22.49 27.64
C VAL B 76 20.77 22.93 26.26
N SER B 77 21.43 23.92 25.69
CA SER B 77 21.07 24.40 24.37
C SER B 77 21.96 23.75 23.29
N ASP B 78 23.04 23.10 23.71
CA ASP B 78 24.00 22.56 22.75
C ASP B 78 23.87 21.04 22.58
N ASP B 79 23.48 20.60 21.38
CA ASP B 79 23.31 19.17 21.15
C ASP B 79 24.61 18.38 21.41
N VAL B 80 25.75 19.00 21.16
CA VAL B 80 27.03 18.30 21.35
C VAL B 80 27.27 18.04 22.85
N GLU B 81 26.77 18.93 23.71
CA GLU B 81 26.92 18.71 25.14
C GLU B 81 26.05 17.52 25.56
N ALA B 82 24.84 17.46 25.01
CA ALA B 82 23.98 16.31 25.30
C ALA B 82 24.59 15.05 24.70
N ALA B 83 25.24 15.14 23.53
CA ALA B 83 25.88 13.97 22.90
C ALA B 83 26.94 13.32 23.79
N LYS B 84 27.76 14.11 24.47
CA LYS B 84 28.82 13.53 25.29
C LYS B 84 28.25 12.88 26.56
N HIS B 85 27.03 13.26 26.93
CA HIS B 85 26.47 12.80 28.19
C HIS B 85 25.92 11.37 28.15
N GLY B 86 25.14 11.02 27.14
CA GLY B 86 24.28 9.85 27.28
C GLY B 86 24.79 8.51 26.78
N GLU B 87 24.33 7.43 27.41
CA GLU B 87 24.52 6.11 26.80
C GLU B 87 23.36 5.79 25.86
N ILE B 88 22.27 6.52 26.05
CA ILE B 88 21.15 6.35 25.14
C ILE B 88 20.67 7.74 24.74
N HIS B 89 20.39 7.90 23.44
CA HIS B 89 20.07 9.20 22.88
C HIS B 89 18.72 9.14 22.22
N VAL B 90 17.80 9.99 22.66
CA VAL B 90 16.45 9.90 22.17
C VAL B 90 16.11 11.16 21.38
N LEU B 91 15.89 10.98 20.07
CA LEU B 91 15.62 12.13 19.20
C LEU B 91 14.12 12.42 19.15
N PHE B 92 13.67 13.56 19.68
CA PHE B 92 12.27 13.87 19.61
C PHE B 92 12.05 14.92 18.54
N THR B 93 12.06 14.45 17.30
CA THR B 93 12.00 15.30 16.12
C THR B 93 10.83 14.86 15.23
N PRO B 94 9.56 15.07 15.69
CA PRO B 94 8.36 14.56 14.99
C PRO B 94 8.22 14.93 13.50
N PHE B 95 8.72 16.07 13.06
CA PHE B 95 8.39 16.52 11.71
C PHE B 95 9.49 16.17 10.72
N GLY B 96 10.41 15.29 11.16
CA GLY B 96 11.45 14.74 10.31
C GLY B 96 12.30 15.79 9.64
N LYS B 97 12.48 16.91 10.32
CA LYS B 97 13.28 17.98 9.79
C LYS B 97 14.66 17.81 10.40
N ALA B 98 14.71 17.97 11.71
CA ALA B 98 15.94 17.95 12.45
C ALA B 98 16.57 16.58 12.64
N THR B 99 15.81 15.50 12.40
CA THR B 99 16.29 14.16 12.79
C THR B 99 17.67 13.82 12.23
N PHE B 100 17.86 14.02 10.93
CA PHE B 100 19.12 13.68 10.29
C PHE B 100 20.25 14.60 10.73
N ARG B 101 19.93 15.87 10.84
CA ARG B 101 20.91 16.87 11.21
C ARG B 101 21.44 16.63 12.61
N ILE B 102 20.53 16.40 13.55
CA ILE B 102 20.93 16.15 14.94
C ILE B 102 21.72 14.86 15.04
N ALA B 103 21.27 13.80 14.37
CA ALA B 103 22.01 12.53 14.42
C ALA B 103 23.43 12.72 13.90
N LYS B 104 23.58 13.42 12.80
CA LYS B 104 24.90 13.63 12.19
C LYS B 104 25.78 14.48 13.08
N THR B 105 25.15 15.40 13.81
CA THR B 105 25.86 16.28 14.74
C THR B 105 26.35 15.51 15.96
N ILE B 106 25.57 14.56 16.43
CA ILE B 106 25.97 13.88 17.67
C ILE B 106 26.82 12.62 17.49
N ILE B 107 26.79 12.02 16.29
CA ILE B 107 27.37 10.69 16.11
C ILE B 107 28.88 10.59 16.44
N GLU B 108 29.64 11.64 16.19
CA GLU B 108 31.07 11.53 16.49
C GLU B 108 31.38 11.96 17.90
N HIS B 109 30.37 12.30 18.68
CA HIS B 109 30.59 12.73 20.06
C HIS B 109 29.97 11.79 21.09
N VAL B 110 29.05 10.91 20.69
CA VAL B 110 28.42 10.04 21.70
C VAL B 110 29.43 9.07 22.26
N PRO B 111 29.24 8.70 23.52
CA PRO B 111 30.16 7.78 24.20
C PRO B 111 30.25 6.40 23.54
N GLU B 112 31.29 5.65 23.87
CA GLU B 112 31.40 4.28 23.34
C GLU B 112 30.16 3.42 23.66
N ASN B 113 29.67 2.70 22.64
CA ASN B 113 28.53 1.79 22.75
C ASN B 113 27.18 2.50 22.93
N ALA B 114 27.15 3.80 22.66
CA ALA B 114 25.86 4.51 22.71
C ALA B 114 24.85 3.97 21.70
N VAL B 115 23.58 4.14 22.03
CA VAL B 115 22.53 3.84 21.08
C VAL B 115 21.74 5.10 20.84
N ILE B 116 21.37 5.35 19.57
CA ILE B 116 20.60 6.53 19.17
C ILE B 116 19.24 6.04 18.69
N CYS B 117 18.19 6.55 19.31
CA CYS B 117 16.81 6.15 19.00
C CYS B 117 16.03 7.32 18.48
N ASN B 118 15.38 7.11 17.35
CA ASN B 118 14.42 8.11 16.91
C ASN B 118 13.08 7.83 17.56
N THR B 119 12.25 8.85 17.77
CA THR B 119 10.97 8.58 18.45
C THR B 119 9.85 8.38 17.46
N CYS B 120 9.73 9.29 16.51
CA CYS B 120 8.62 9.25 15.58
C CYS B 120 9.03 9.78 14.20
N THR B 121 8.25 9.36 13.22
CA THR B 121 8.32 9.76 11.80
C THR B 121 9.37 9.06 10.99
N VAL B 122 10.64 9.42 11.16
CA VAL B 122 11.72 8.82 10.40
C VAL B 122 11.92 7.40 10.93
N SER B 123 11.95 6.45 10.00
CA SER B 123 12.20 5.04 10.29
C SER B 123 13.62 4.83 10.72
N PRO B 124 13.84 3.97 11.75
CA PRO B 124 15.22 3.72 12.18
C PRO B 124 16.10 3.12 11.07
N VAL B 125 15.51 2.40 10.13
CA VAL B 125 16.30 1.87 9.02
C VAL B 125 16.86 3.01 8.14
N VAL B 126 16.03 4.02 7.91
CA VAL B 126 16.44 5.19 7.12
C VAL B 126 17.46 6.03 7.90
N LEU B 127 17.23 6.17 9.21
CA LEU B 127 18.25 6.82 10.07
C LEU B 127 19.60 6.06 10.00
N TYR B 128 19.55 4.73 10.07
CA TYR B 128 20.76 3.95 9.92
C TYR B 128 21.45 4.22 8.57
N TYR B 129 20.68 4.17 7.48
CA TYR B 129 21.27 4.44 6.20
C TYR B 129 21.94 5.81 6.10
N SER B 130 21.34 6.81 6.73
CA SER B 130 21.88 8.17 6.63
C SER B 130 23.20 8.27 7.38
N LEU B 131 23.39 7.39 8.34
CA LEU B 131 24.60 7.42 9.19
C LEU B 131 25.60 6.33 8.80
N GLU B 132 25.23 5.51 7.82
CA GLU B 132 25.95 4.28 7.57
C GLU B 132 27.44 4.49 7.22
N PRO B 133 27.79 5.59 6.51
CA PRO B 133 29.22 5.71 6.26
C PRO B 133 30.07 5.81 7.53
N ILE B 134 29.54 6.40 8.58
CA ILE B 134 30.35 6.51 9.79
C ILE B 134 30.14 5.27 10.65
N LEU B 135 28.93 4.73 10.65
CA LEU B 135 28.63 3.53 11.44
C LEU B 135 29.45 2.32 10.92
N ARG B 136 29.68 2.26 9.62
CA ARG B 136 30.50 1.21 8.99
C ARG B 136 31.98 1.36 9.20
N THR B 137 32.42 2.56 9.55
CA THR B 137 33.86 2.81 9.57
C THR B 137 34.32 3.17 10.98
N LYS B 138 34.08 4.40 11.39
CA LYS B 138 34.66 4.90 12.64
C LYS B 138 33.84 4.63 13.91
N ARG B 139 32.53 4.43 13.76
CA ARG B 139 31.67 4.22 14.95
C ARG B 139 30.88 2.92 14.85
N LYS B 140 31.57 1.81 14.67
CA LYS B 140 30.93 0.49 14.63
C LYS B 140 30.31 0.07 15.97
N ASP B 141 30.65 0.80 17.02
CA ASP B 141 30.11 0.56 18.35
C ASP B 141 28.70 1.12 18.53
N VAL B 142 28.29 2.05 17.66
CA VAL B 142 27.04 2.79 17.91
C VAL B 142 25.86 2.01 17.34
N GLY B 143 24.77 1.93 18.11
CA GLY B 143 23.56 1.29 17.61
C GLY B 143 22.50 2.30 17.28
N ILE B 144 21.61 1.90 16.38
CA ILE B 144 20.46 2.72 15.97
C ILE B 144 19.21 1.94 16.32
N SER B 145 18.25 2.59 16.96
CA SER B 145 16.98 1.95 17.27
C SER B 145 15.91 3.02 17.24
N SER B 146 14.81 2.77 17.94
CA SER B 146 13.72 3.74 17.93
C SER B 146 12.91 3.54 19.22
N MET B 147 12.16 4.56 19.62
CA MET B 147 11.28 4.44 20.77
C MET B 147 9.99 5.16 20.42
N HIS B 148 9.07 4.48 19.72
CA HIS B 148 7.87 5.11 19.20
C HIS B 148 6.74 5.14 20.23
N PRO B 149 6.29 6.33 20.66
CA PRO B 149 5.21 6.31 21.66
C PRO B 149 3.84 5.98 21.06
N ALA B 150 2.94 5.38 21.84
CA ALA B 150 1.62 5.02 21.30
C ALA B 150 0.69 6.19 21.16
N ALA B 151 1.02 7.29 21.83
CA ALA B 151 0.26 8.52 21.83
C ALA B 151 1.24 9.58 22.30
N VAL B 152 0.85 10.84 22.29
CA VAL B 152 1.80 11.87 22.70
C VAL B 152 2.16 11.68 24.18
N PRO B 153 3.48 11.57 24.48
CA PRO B 153 3.87 11.43 25.88
C PRO B 153 3.31 12.57 26.74
N GLY B 154 2.74 12.21 27.88
CA GLY B 154 2.08 13.18 28.73
C GLY B 154 0.58 13.00 28.73
N THR B 155 0.07 12.34 27.70
CA THR B 155 -1.38 12.08 27.66
C THR B 155 -1.65 10.71 28.32
N PRO B 156 -2.85 10.54 28.90
CA PRO B 156 -3.20 9.29 29.59
C PRO B 156 -3.16 8.10 28.65
N GLN B 157 -3.40 8.37 27.37
CA GLN B 157 -3.49 7.34 26.36
C GLN B 157 -2.13 6.70 26.04
N HIS B 158 -1.04 7.37 26.40
CA HIS B 158 0.29 6.81 26.19
C HIS B 158 0.63 5.73 27.19
N GLY B 159 0.49 4.46 26.79
CA GLY B 159 0.75 3.38 27.72
C GLY B 159 1.89 2.49 27.30
N HIS B 160 2.40 2.67 26.08
CA HIS B 160 3.53 1.83 25.65
C HIS B 160 4.44 2.53 24.65
N TYR B 161 5.60 1.92 24.43
CA TYR B 161 6.50 2.30 23.33
C TYR B 161 6.75 1.08 22.47
N VAL B 162 7.01 1.32 21.19
CA VAL B 162 7.47 0.28 20.29
C VAL B 162 8.97 0.54 20.01
N ILE B 163 9.81 -0.50 20.18
CA ILE B 163 11.26 -0.35 20.01
C ILE B 163 11.67 -1.06 18.73
N GLY B 164 12.34 -0.36 17.81
CA GLY B 164 12.75 -1.02 16.57
C GLY B 164 13.93 -1.98 16.80
N GLY B 165 13.71 -3.26 16.54
CA GLY B 165 14.70 -4.30 16.79
C GLY B 165 15.22 -4.85 15.47
N LYS B 166 15.79 -6.05 15.52
CA LYS B 166 16.34 -6.71 14.36
C LYS B 166 15.30 -6.73 13.21
N THR B 167 15.73 -6.41 12.01
CA THR B 167 14.78 -6.32 10.92
C THR B 167 14.26 -7.69 10.47
N THR B 168 13.15 -7.72 9.75
CA THR B 168 12.62 -8.98 9.27
C THR B 168 13.61 -9.70 8.38
N ASP B 169 14.51 -8.96 7.72
CA ASP B 169 15.47 -9.62 6.84
C ASP B 169 16.82 -9.82 7.52
N GLY B 170 16.82 -9.70 8.85
CA GLY B 170 17.92 -10.17 9.67
C GLY B 170 19.02 -9.16 9.97
N LYS B 171 18.77 -7.88 9.66
CA LYS B 171 19.76 -6.84 9.94
C LYS B 171 19.71 -6.41 11.41
N GLU B 172 20.88 -6.37 12.05
CA GLU B 172 20.97 -5.89 13.42
C GLU B 172 21.53 -4.48 13.42
N LEU B 173 20.67 -3.49 13.69
CA LEU B 173 21.09 -2.08 13.65
C LEU B 173 21.67 -1.63 14.97
N ALA B 174 21.41 -2.44 15.99
CA ALA B 174 21.92 -2.23 17.35
C ALA B 174 22.15 -3.59 17.95
N THR B 175 23.01 -3.67 18.97
CA THR B 175 23.28 -4.94 19.65
C THR B 175 22.10 -5.32 20.54
N GLU B 176 22.05 -6.58 20.94
CA GLU B 176 20.98 -7.05 21.81
C GLU B 176 20.98 -6.24 23.08
N GLU B 177 22.17 -5.96 23.57
CA GLU B 177 22.32 -5.17 24.79
C GLU B 177 21.78 -3.74 24.65
N GLN B 178 22.07 -3.09 23.53
CA GLN B 178 21.57 -1.75 23.28
C GLN B 178 20.03 -1.75 23.18
N ILE B 179 19.48 -2.78 22.53
CA ILE B 179 18.01 -2.85 22.42
C ILE B 179 17.37 -3.06 23.79
N LYS B 180 18.00 -3.89 24.60
CA LYS B 180 17.48 -4.14 25.95
C LYS B 180 17.52 -2.88 26.77
N LYS B 181 18.56 -2.05 26.57
CA LYS B 181 18.64 -0.81 27.32
C LYS B 181 17.51 0.15 26.92
N ALA B 182 17.22 0.23 25.63
CA ALA B 182 16.11 1.08 25.16
C ALA B 182 14.77 0.58 25.69
N VAL B 183 14.58 -0.72 25.65
CA VAL B 183 13.35 -1.30 26.16
C VAL B 183 13.17 -0.95 27.64
N GLU B 184 14.19 -1.18 28.45
CA GLU B 184 14.06 -0.87 29.87
C GLU B 184 13.90 0.65 30.16
N LEU B 185 14.58 1.50 29.40
CA LEU B 185 14.35 2.94 29.54
C LEU B 185 12.88 3.29 29.21
N ALA B 186 12.38 2.71 28.14
CA ALA B 186 11.02 2.98 27.69
C ALA B 186 9.99 2.67 28.76
N LYS B 187 10.29 1.69 29.61
CA LYS B 187 9.37 1.27 30.66
C LYS B 187 9.26 2.24 31.84
N SER B 188 10.01 3.35 31.82
CA SER B 188 9.93 4.34 32.87
C SER B 188 8.51 4.84 33.04
N ALA B 189 8.20 5.25 34.26
CA ALA B 189 6.88 5.77 34.58
C ALA B 189 5.79 4.73 34.32
N GLY B 190 6.15 3.45 34.30
CA GLY B 190 5.13 2.43 34.25
C GLY B 190 4.66 2.09 32.86
N LYS B 191 5.50 2.29 31.86
CA LYS B 191 5.09 2.04 30.47
C LYS B 191 5.40 0.61 30.01
N GLU B 192 4.62 0.14 29.07
CA GLU B 192 4.92 -1.11 28.38
C GLU B 192 5.90 -0.84 27.23
N ALA B 193 6.69 -1.84 26.85
CA ALA B 193 7.64 -1.66 25.75
C ALA B 193 7.76 -2.96 24.97
N TYR B 194 7.65 -2.86 23.65
CA TYR B 194 7.63 -4.02 22.76
C TYR B 194 8.61 -3.86 21.63
N VAL B 195 9.42 -4.88 21.37
CA VAL B 195 10.35 -4.84 20.24
C VAL B 195 9.63 -5.36 19.00
N VAL B 196 9.69 -4.58 17.94
CA VAL B 196 9.10 -4.88 16.64
C VAL B 196 10.24 -4.68 15.64
N PRO B 197 10.31 -5.51 14.59
CA PRO B 197 11.41 -5.30 13.64
C PRO B 197 11.50 -3.87 13.11
N ALA B 198 12.72 -3.37 12.99
CA ALA B 198 12.90 -1.95 12.70
C ALA B 198 12.38 -1.54 11.34
N ASP B 199 12.27 -2.50 10.42
CA ASP B 199 11.77 -2.18 9.10
C ASP B 199 10.24 -2.01 9.09
N VAL B 200 9.54 -2.32 10.19
CA VAL B 200 8.10 -2.15 10.23
C VAL B 200 7.64 -1.26 11.39
N SER B 201 8.54 -0.93 12.31
CA SER B 201 8.11 -0.31 13.57
C SER B 201 7.40 1.04 13.35
N SER B 202 7.88 1.83 12.40
CA SER B 202 7.30 3.18 12.24
C SER B 202 5.87 3.09 11.64
N VAL B 203 5.62 2.05 10.86
CA VAL B 203 4.31 1.89 10.24
C VAL B 203 3.25 1.45 11.26
N VAL B 204 3.71 0.87 12.38
CA VAL B 204 2.78 0.38 13.40
C VAL B 204 2.45 1.42 14.42
N ALA B 205 3.43 2.26 14.73
CA ALA B 205 3.31 3.08 15.92
C ALA B 205 3.26 4.59 15.67
N ASP B 206 3.79 5.06 14.54
CA ASP B 206 3.81 6.51 14.30
C ASP B 206 2.46 7.00 13.79
N MET B 207 2.37 8.28 13.46
CA MET B 207 1.09 8.87 13.08
C MET B 207 0.51 8.25 11.83
N GLY B 208 1.39 7.72 10.97
CA GLY B 208 0.97 7.03 9.77
C GLY B 208 0.18 5.75 10.06
N SER B 209 0.13 5.36 11.33
CA SER B 209 -0.65 4.19 11.77
C SER B 209 -2.13 4.35 11.41
N LEU B 210 -2.55 5.60 11.25
CA LEU B 210 -3.90 5.91 10.78
C LEU B 210 -4.10 5.24 9.43
N VAL B 211 -3.15 5.43 8.52
CA VAL B 211 -3.24 4.85 7.18
C VAL B 211 -3.09 3.37 7.28
N THR B 212 -2.17 2.91 8.13
CA THR B 212 -1.98 1.47 8.25
C THR B 212 -3.23 0.74 8.70
N ALA B 213 -3.89 1.29 9.72
CA ALA B 213 -5.08 0.65 10.27
C ALA B 213 -6.22 0.66 9.23
N VAL B 214 -6.43 1.77 8.53
CA VAL B 214 -7.55 1.84 7.56
C VAL B 214 -7.29 0.96 6.36
N ALA B 215 -6.06 0.99 5.84
CA ALA B 215 -5.72 0.11 4.72
C ALA B 215 -5.84 -1.35 5.11
N LEU B 216 -5.37 -1.69 6.32
CA LEU B 216 -5.49 -3.05 6.80
C LEU B 216 -6.98 -3.48 6.88
N SER B 217 -7.86 -2.58 7.32
CA SER B 217 -9.24 -2.99 7.45
C SER B 217 -9.82 -3.32 6.06
N GLY B 218 -9.40 -2.59 5.03
CA GLY B 218 -9.86 -2.86 3.67
C GLY B 218 -9.32 -4.18 3.15
N VAL B 219 -8.04 -4.42 3.43
CA VAL B 219 -7.42 -5.72 3.08
C VAL B 219 -8.19 -6.87 3.73
N LEU B 220 -8.52 -6.77 5.02
CA LEU B 220 -9.24 -7.88 5.67
C LEU B 220 -10.69 -8.01 5.21
N ASP B 221 -11.35 -6.90 4.89
CA ASP B 221 -12.70 -6.94 4.34
C ASP B 221 -12.66 -7.76 3.04
N TYR B 222 -11.75 -7.39 2.12
CA TYR B 222 -11.66 -8.06 0.83
C TYR B 222 -11.26 -9.53 1.00
N TYR B 223 -10.34 -9.80 1.93
CA TYR B 223 -9.97 -11.18 2.20
C TYR B 223 -11.18 -12.03 2.63
N THR B 224 -12.03 -11.46 3.47
CA THR B 224 -13.20 -12.16 3.96
C THR B 224 -14.25 -12.34 2.87
N VAL B 225 -14.60 -11.24 2.20
CA VAL B 225 -15.58 -11.28 1.11
C VAL B 225 -15.11 -12.21 0.00
N GLY B 226 -13.84 -12.02 -0.37
CA GLY B 226 -13.20 -12.79 -1.41
C GLY B 226 -13.26 -14.28 -1.13
N ARG B 227 -12.89 -14.69 0.08
CA ARG B 227 -12.86 -16.10 0.41
C ARG B 227 -14.21 -16.72 0.78
N LYS B 228 -14.98 -16.02 1.61
CA LYS B 228 -16.17 -16.61 2.21
C LYS B 228 -17.42 -16.46 1.35
N ILE B 229 -17.49 -15.41 0.53
CA ILE B 229 -18.68 -15.16 -0.28
C ILE B 229 -18.45 -15.48 -1.75
N ILE B 230 -17.40 -14.89 -2.30
CA ILE B 230 -17.10 -15.04 -3.71
C ILE B 230 -16.39 -16.35 -3.97
N ASN B 231 -15.72 -16.86 -2.94
CA ASN B 231 -14.83 -18.02 -3.09
C ASN B 231 -13.72 -17.76 -4.12
N ALA B 232 -13.23 -16.52 -4.18
CA ALA B 232 -12.08 -16.21 -5.00
C ALA B 232 -10.86 -16.87 -4.36
N PRO B 233 -9.96 -17.44 -5.19
CA PRO B 233 -8.79 -18.15 -4.66
C PRO B 233 -7.91 -17.22 -3.82
N LYS B 234 -7.31 -17.78 -2.77
CA LYS B 234 -6.52 -16.95 -1.85
C LYS B 234 -5.35 -16.24 -2.55
N LYS B 235 -4.66 -16.96 -3.43
CA LYS B 235 -3.49 -16.40 -4.09
C LYS B 235 -3.87 -15.24 -5.01
N MET B 236 -5.07 -15.32 -5.59
CA MET B 236 -5.64 -14.22 -6.37
C MET B 236 -5.90 -13.00 -5.51
N ILE B 237 -6.59 -13.20 -4.38
CA ILE B 237 -6.83 -12.10 -3.46
C ILE B 237 -5.51 -11.45 -3.00
N GLU B 238 -4.52 -12.26 -2.66
CA GLU B 238 -3.25 -11.70 -2.24
C GLU B 238 -2.56 -10.92 -3.37
N GLN B 239 -2.58 -11.47 -4.58
CA GLN B 239 -2.01 -10.77 -5.73
C GLN B 239 -2.70 -9.41 -5.95
N GLN B 240 -4.04 -9.35 -5.84
CA GLN B 240 -4.73 -8.06 -5.98
C GLN B 240 -4.43 -7.10 -4.86
N VAL B 241 -4.31 -7.62 -3.64
CA VAL B 241 -3.98 -6.78 -2.49
C VAL B 241 -2.60 -6.19 -2.74
N ILE B 242 -1.65 -7.03 -3.15
CA ILE B 242 -0.29 -6.54 -3.44
C ILE B 242 -0.30 -5.46 -4.53
N MET B 243 -1.03 -5.70 -5.62
CA MET B 243 -1.00 -4.75 -6.71
C MET B 243 -1.64 -3.44 -6.28
N THR B 244 -2.74 -3.51 -5.52
CA THR B 244 -3.39 -2.28 -5.05
C THR B 244 -2.49 -1.45 -4.19
N LEU B 245 -1.91 -2.08 -3.17
CA LEU B 245 -1.12 -1.28 -2.24
C LEU B 245 0.17 -0.77 -2.91
N GLN B 246 0.77 -1.61 -3.73
CA GLN B 246 2.00 -1.23 -4.44
C GLN B 246 1.75 -0.07 -5.40
N THR B 247 0.64 -0.14 -6.14
CA THR B 247 0.36 0.88 -7.11
C THR B 247 0.11 2.21 -6.44
N MET B 248 -0.65 2.16 -5.35
CA MET B 248 -0.94 3.39 -4.60
C MET B 248 0.36 4.00 -4.05
N ALA B 249 1.20 3.13 -3.48
CA ALA B 249 2.48 3.65 -2.94
C ALA B 249 3.33 4.28 -4.04
N SER B 250 3.46 3.58 -5.17
CA SER B 250 4.27 4.04 -6.28
C SER B 250 3.75 5.37 -6.85
N LEU B 251 2.43 5.49 -6.99
CA LEU B 251 1.86 6.72 -7.54
C LEU B 251 2.11 7.90 -6.58
N VAL B 252 2.03 7.66 -5.28
CA VAL B 252 2.32 8.76 -4.33
C VAL B 252 3.81 9.13 -4.47
N GLU B 253 4.65 8.11 -4.61
CA GLU B 253 6.07 8.38 -4.74
C GLU B 253 6.42 9.22 -5.97
N THR B 254 5.79 8.94 -7.12
CA THR B 254 6.13 9.71 -8.33
C THR B 254 5.35 10.99 -8.48
N SER B 255 4.14 11.00 -7.92
CA SER B 255 3.16 12.00 -8.32
C SER B 255 2.49 12.73 -7.16
N GLY B 256 2.85 12.38 -5.92
CA GLY B 256 2.24 13.02 -4.77
C GLY B 256 0.86 12.47 -4.48
N ILE B 257 0.25 12.90 -3.38
CA ILE B 257 -1.07 12.38 -3.10
C ILE B 257 -2.06 12.82 -4.21
N GLU B 258 -1.99 14.08 -4.66
CA GLU B 258 -2.93 14.60 -5.66
C GLU B 258 -2.83 13.86 -6.98
N GLY B 259 -1.60 13.57 -7.39
CA GLY B 259 -1.37 12.83 -8.63
C GLY B 259 -1.89 11.41 -8.53
N MET B 260 -1.72 10.79 -7.36
CA MET B 260 -2.20 9.44 -7.13
C MET B 260 -3.72 9.44 -7.21
N VAL B 261 -4.39 10.43 -6.60
CA VAL B 261 -5.83 10.48 -6.66
C VAL B 261 -6.27 10.66 -8.09
N LYS B 262 -5.57 11.50 -8.84
CA LYS B 262 -5.96 11.74 -10.21
C LYS B 262 -5.90 10.43 -11.03
N ALA B 263 -4.85 9.64 -10.78
CA ALA B 263 -4.69 8.37 -11.49
C ALA B 263 -5.76 7.36 -11.12
N LEU B 264 -6.14 7.29 -9.83
CA LEU B 264 -7.08 6.23 -9.45
C LEU B 264 -8.55 6.72 -9.68
N ASN B 265 -8.76 8.03 -9.74
CA ASN B 265 -10.11 8.58 -10.01
C ASN B 265 -11.21 8.09 -9.05
N PRO B 266 -11.46 8.80 -7.96
CA PRO B 266 -12.52 8.48 -7.01
C PRO B 266 -13.87 8.16 -7.68
N GLU B 267 -14.24 8.88 -8.72
CA GLU B 267 -15.56 8.62 -9.33
C GLU B 267 -15.64 7.21 -9.93
N LEU B 268 -14.60 6.76 -10.61
CA LEU B 268 -14.57 5.38 -11.13
C LEU B 268 -14.52 4.40 -10.00
N LEU B 269 -13.75 4.76 -8.98
CA LEU B 269 -13.46 3.87 -7.90
C LEU B 269 -14.72 3.60 -7.08
N ILE B 270 -15.53 4.63 -6.85
CA ILE B 270 -16.82 4.45 -6.19
C ILE B 270 -17.71 3.48 -6.94
N ARG B 271 -17.75 3.57 -8.27
CA ARG B 271 -18.59 2.67 -9.03
C ARG B 271 -18.11 1.20 -8.92
N SER B 272 -16.81 0.98 -9.04
CA SER B 272 -16.29 -0.39 -8.95
C SER B 272 -16.48 -0.99 -7.55
N ALA B 273 -16.14 -0.21 -6.54
CA ALA B 273 -16.15 -0.73 -5.18
C ALA B 273 -17.57 -0.96 -4.66
N SER B 274 -18.55 -0.22 -5.20
CA SER B 274 -19.95 -0.45 -4.86
C SER B 274 -20.39 -1.87 -5.18
N SER B 275 -19.81 -2.44 -6.24
CA SER B 275 -20.15 -3.79 -6.64
C SER B 275 -19.66 -4.82 -5.62
N MET B 276 -18.76 -4.42 -4.72
CA MET B 276 -18.19 -5.35 -3.74
C MET B 276 -18.91 -5.26 -2.40
N LYS B 277 -20.04 -4.58 -2.37
CA LYS B 277 -20.85 -4.58 -1.17
C LYS B 277 -21.64 -5.87 -1.14
N LEU B 278 -21.01 -6.93 -0.65
CA LEU B 278 -21.55 -8.27 -0.79
C LEU B 278 -21.93 -8.96 0.52
N LEU B 279 -21.59 -8.35 1.65
CA LEU B 279 -22.05 -8.95 2.89
C LEU B 279 -22.67 -7.93 3.85
N ASP B 280 -23.42 -8.49 4.78
CA ASP B 280 -24.03 -7.81 5.92
C ASP B 280 -23.40 -6.51 6.36
N ARG B 281 -22.21 -6.64 6.94
CA ARG B 281 -21.55 -5.50 7.55
C ARG B 281 -20.15 -5.25 7.02
N GLN B 282 -20.02 -4.21 6.19
CA GLN B 282 -18.73 -3.78 5.68
C GLN B 282 -18.63 -2.29 5.93
N LYS B 283 -18.52 -1.89 7.21
CA LYS B 283 -18.55 -0.47 7.52
C LYS B 283 -17.35 0.29 6.91
N ASP B 284 -16.24 -0.40 6.68
CA ASP B 284 -15.09 0.20 6.04
C ASP B 284 -15.43 0.66 4.61
N LEU B 285 -16.16 -0.20 3.89
CA LEU B 285 -16.55 0.11 2.52
C LEU B 285 -17.56 1.23 2.51
N ASP B 286 -18.58 1.14 3.38
CA ASP B 286 -19.59 2.18 3.52
C ASP B 286 -18.90 3.52 3.79
N ALA B 287 -17.92 3.52 4.70
CA ALA B 287 -17.25 4.77 5.03
C ALA B 287 -16.46 5.36 3.86
N ALA B 288 -15.78 4.48 3.13
CA ALA B 288 -14.97 4.88 1.98
C ALA B 288 -15.84 5.48 0.88
N LEU B 289 -16.96 4.82 0.58
CA LEU B 289 -17.82 5.28 -0.51
C LEU B 289 -18.29 6.68 -0.15
N GLU B 290 -18.61 6.92 1.11
CA GLU B 290 -19.08 8.26 1.46
C GLU B 290 -17.96 9.32 1.44
N ILE B 291 -16.79 8.97 1.96
CA ILE B 291 -15.66 9.89 1.92
C ILE B 291 -15.26 10.28 0.49
N LEU B 292 -15.16 9.29 -0.40
CA LEU B 292 -14.76 9.54 -1.79
C LEU B 292 -15.78 10.37 -2.60
N GLN B 293 -17.05 10.36 -2.19
CA GLN B 293 -18.11 11.19 -2.79
C GLN B 293 -18.07 12.63 -2.28
N ASN B 294 -17.37 12.84 -1.18
CA ASN B 294 -17.42 14.15 -0.52
C ASN B 294 -16.05 14.78 -0.31
N LEU B 295 -15.17 14.63 -1.30
CA LEU B 295 -13.84 15.23 -1.22
C LEU B 295 -13.91 16.76 -1.19
N ASP B 296 -12.93 17.37 -0.53
CA ASP B 296 -12.85 18.82 -0.35
C ASP B 296 -12.57 19.41 -1.73
N GLU B 297 -13.24 20.52 -2.05
CA GLU B 297 -13.18 21.12 -3.37
C GLU B 297 -11.79 21.70 -3.64
N THR B 298 -11.08 22.00 -2.55
CA THR B 298 -9.71 22.48 -2.62
C THR B 298 -8.80 21.32 -3.02
N LEU B 299 -9.04 20.16 -2.42
CA LEU B 299 -8.34 18.96 -2.82
C LEU B 299 -8.68 18.63 -4.27
N LYS B 300 -9.96 18.73 -4.62
CA LYS B 300 -10.40 18.36 -5.95
C LYS B 300 -9.69 19.22 -7.00
N ALA B 301 -9.56 20.52 -6.72
CA ALA B 301 -8.96 21.45 -7.66
C ALA B 301 -7.49 21.08 -7.87
N GLU B 302 -6.80 20.76 -6.78
CA GLU B 302 -5.39 20.43 -6.89
C GLU B 302 -5.19 19.12 -7.64
N VAL B 303 -6.19 18.23 -7.57
CA VAL B 303 -6.19 16.98 -8.30
C VAL B 303 -6.34 17.21 -9.82
N GLU B 304 -7.26 18.05 -10.30
CA GLU B 304 -7.27 18.33 -11.75
C GLU B 304 -5.99 18.97 -12.25
N LYS B 305 -5.32 19.72 -11.39
CA LYS B 305 -4.12 20.44 -11.79
C LYS B 305 -2.89 19.52 -11.74
N ALA B 306 -3.05 18.37 -11.10
CA ALA B 306 -1.93 17.45 -10.85
C ALA B 306 -1.49 16.75 -12.14
N GLU B 307 -0.20 16.42 -12.19
CA GLU B 307 0.36 15.64 -13.27
C GLU B 307 0.62 14.20 -12.83
N ILE B 308 0.20 13.22 -13.64
CA ILE B 308 0.55 11.81 -13.34
C ILE B 308 1.92 11.53 -13.96
N LYS B 309 2.92 11.29 -13.12
CA LYS B 309 4.28 11.09 -13.62
C LYS B 309 4.51 9.63 -13.90
N PRO B 310 5.55 9.32 -14.69
CA PRO B 310 5.84 7.92 -15.01
C PRO B 310 5.98 7.05 -13.78
N THR B 311 5.23 5.95 -13.74
CA THR B 311 5.17 5.09 -12.57
C THR B 311 5.18 3.64 -13.10
N THR B 312 6.15 2.85 -12.65
CA THR B 312 6.37 1.51 -13.22
C THR B 312 5.75 0.43 -12.34
N LEU B 313 4.93 -0.42 -12.92
CA LEU B 313 4.39 -1.57 -12.21
C LEU B 313 5.53 -2.50 -11.81
N VAL B 314 5.62 -2.80 -10.52
CA VAL B 314 6.62 -3.75 -10.03
C VAL B 314 6.03 -4.76 -9.05
N ALA B 315 6.72 -5.89 -8.91
CA ALA B 315 6.50 -6.78 -7.77
C ALA B 315 7.73 -6.51 -6.90
N ALA B 316 7.59 -5.71 -5.83
CA ALA B 316 8.84 -5.16 -5.31
C ALA B 316 9.83 -6.13 -4.69
N GLN B 317 9.35 -7.04 -3.86
CA GLN B 317 10.26 -7.96 -3.16
C GLN B 317 10.83 -8.95 -4.18
N SER B 318 9.99 -9.37 -5.15
CA SER B 318 10.50 -10.18 -6.24
C SER B 318 11.59 -9.43 -7.02
N LEU B 319 11.42 -8.12 -7.19
CA LEU B 319 12.41 -7.33 -7.92
C LEU B 319 13.73 -7.23 -7.15
N VAL B 320 13.62 -7.11 -5.83
CA VAL B 320 14.83 -7.09 -4.97
C VAL B 320 15.61 -8.36 -5.19
N LYS B 321 14.91 -9.49 -5.18
CA LYS B 321 15.60 -10.78 -5.37
C LYS B 321 16.26 -10.85 -6.75
N GLU B 322 15.52 -10.43 -7.75
CA GLU B 322 16.02 -10.42 -9.11
C GLU B 322 17.23 -9.50 -9.23
N ILE B 323 17.20 -8.32 -8.61
CA ILE B 323 18.39 -7.49 -8.68
C ILE B 323 19.59 -8.17 -8.01
N LYS B 324 19.37 -8.86 -6.89
CA LYS B 324 20.48 -9.58 -6.24
C LYS B 324 21.07 -10.63 -7.15
N THR B 325 20.22 -11.34 -7.86
CA THR B 325 20.74 -12.39 -8.74
C THR B 325 21.49 -11.79 -9.94
N LEU B 326 21.14 -10.58 -10.38
CA LEU B 326 21.84 -9.94 -11.51
C LEU B 326 23.18 -9.29 -11.15
N ILE B 327 23.17 -8.48 -10.09
CA ILE B 327 24.38 -7.69 -9.79
C ILE B 327 25.03 -8.09 -8.47
N GLY B 328 24.44 -9.07 -7.78
CA GLY B 328 25.09 -9.60 -6.59
C GLY B 328 24.59 -8.91 -5.36
N GLY B 329 24.76 -9.52 -4.20
CA GLY B 329 24.15 -8.96 -3.00
C GLY B 329 24.64 -7.59 -2.57
N ALA B 330 25.94 -7.35 -2.70
CA ALA B 330 26.54 -6.10 -2.24
C ALA B 330 26.06 -4.94 -3.07
N ALA B 331 26.05 -5.12 -4.38
CA ALA B 331 25.64 -4.03 -5.26
C ALA B 331 24.15 -3.80 -5.16
N ALA B 332 23.39 -4.88 -4.98
CA ALA B 332 21.94 -4.73 -4.81
C ALA B 332 21.63 -3.94 -3.52
N GLU B 333 22.32 -4.26 -2.44
CA GLU B 333 22.13 -3.53 -1.18
C GLU B 333 22.51 -2.07 -1.32
N GLY B 334 23.59 -1.78 -2.07
CA GLY B 334 23.96 -0.40 -2.37
C GLY B 334 22.82 0.35 -3.06
N ALA B 335 22.18 -0.34 -3.99
CA ALA B 335 21.12 0.27 -4.79
C ALA B 335 19.88 0.56 -3.93
N ILE B 336 19.60 -0.38 -3.05
CA ILE B 336 18.47 -0.27 -2.12
C ILE B 336 18.72 0.86 -1.14
N LYS B 337 19.92 0.94 -0.57
CA LYS B 337 20.27 2.02 0.34
C LYS B 337 20.21 3.38 -0.35
N ARG B 338 20.86 3.51 -1.50
CA ARG B 338 20.88 4.81 -2.15
C ARG B 338 19.49 5.28 -2.51
N SER B 339 18.69 4.37 -3.07
CA SER B 339 17.36 4.81 -3.48
C SER B 339 16.45 5.08 -2.26
N ALA B 340 16.62 4.35 -1.15
CA ALA B 340 15.82 4.61 0.08
C ALA B 340 16.21 5.99 0.64
N ARG B 341 17.49 6.28 0.65
CA ARG B 341 17.89 7.62 1.08
C ARG B 341 17.33 8.72 0.18
N LYS B 342 17.31 8.53 -1.13
CA LYS B 342 16.85 9.59 -2.02
C LYS B 342 15.39 9.96 -1.73
N LEU B 343 14.57 8.96 -1.38
CA LEU B 343 13.16 9.27 -1.09
C LEU B 343 12.98 9.77 0.34
N PHE B 344 13.59 9.06 1.29
CA PHE B 344 13.26 9.29 2.71
C PHE B 344 14.20 10.22 3.47
N GLU B 345 15.35 10.54 2.88
CA GLU B 345 16.27 11.44 3.57
C GLU B 345 16.41 12.76 2.83
N HIS B 346 16.92 12.68 1.62
CA HIS B 346 17.14 13.83 0.74
C HIS B 346 15.82 14.45 0.26
C1 PGE C . -20.26 -27.81 -14.64
O1 PGE C . -18.85 -27.91 -14.71
C2 PGE C . -20.85 -28.96 -13.85
O2 PGE C . -20.71 -30.18 -14.54
C3 PGE C . -21.47 -31.24 -13.99
C4 PGE C . -21.30 -32.52 -14.81
O4 PGE C . -17.41 -33.03 -16.28
C6 PGE C . -18.21 -34.19 -16.03
C5 PGE C . -19.68 -33.78 -16.01
O3 PGE C . -19.92 -32.79 -15.02
C1 PEG D . -12.03 -8.31 -41.52
O1 PEG D . -13.26 -7.59 -41.38
C2 PEG D . -11.26 -8.39 -40.18
O2 PEG D . -11.26 -9.78 -39.78
C3 PEG D . -9.99 -10.37 -39.42
C4 PEG D . -9.91 -11.79 -39.99
O4 PEG D . -10.91 -12.65 -39.43
C1 PEG E . 1.87 -14.83 -1.12
O1 PEG E . 1.60 -14.19 -2.36
C2 PEG E . 3.25 -15.52 -1.16
O2 PEG E . 3.66 -15.92 0.16
C3 PEG E . 2.78 -16.88 0.76
C4 PEG E . 3.38 -17.32 2.10
O4 PEG E . 2.45 -18.18 2.74
C1 PEG F . -18.54 -8.99 -7.52
O1 PEG F . -18.69 -10.41 -7.44
C2 PEG F . -17.58 -8.65 -8.69
O2 PEG F . -17.69 -7.25 -9.03
C3 PEG F . -16.72 -6.79 -10.00
C4 PEG F . -16.44 -7.85 -11.07
O4 PEG F . -15.25 -7.50 -11.77
#